data_7QRY
#
_entry.id   7QRY
#
_cell.length_a   38.863
_cell.length_b   51.763
_cell.length_c   80.380
_cell.angle_alpha   103.760
_cell.angle_beta   92.640
_cell.angle_gamma   94.330
#
_symmetry.space_group_name_H-M   'P 1'
#
loop_
_entity.id
_entity.type
_entity.pdbx_description
1 polymer 'E3 ubiquitin-protein ligase Midline-1'
2 water water
#
_entity_poly.entity_id   1
_entity_poly.type   'polypeptide(L)'
_entity_poly.pdbx_seq_one_letter_code
;SMNSQPFKLDPKSAHRKLKVSHDNLTVERDESSSKKSHTPERFTSQGSYGVAGNVFIDSGRHYWEVVISGSTWYAIGLAY
KSAPKHEWIGKNSASWALCRCNNNWVVRHNSKEIPIEPAPHLRRVGILLDYDNGSIAFYDALNSIHLYTFDVAFAQPVCP
TFTVWNKCLTIITGLPIPDHLDCTEQLP
;
_entity_poly.pdbx_strand_id   A,B,C,D
#
# COMPACT_ATOMS: atom_id res chain seq x y z
N ASN A 3 -15.72 3.56 -9.08
CA ASN A 3 -14.56 4.53 -9.02
C ASN A 3 -14.31 5.10 -10.41
N SER A 4 -14.02 6.40 -10.45
CA SER A 4 -13.55 7.13 -11.64
C SER A 4 -12.01 7.13 -11.63
N GLN A 5 -11.41 7.54 -12.74
CA GLN A 5 -9.95 7.50 -13.03
C GLN A 5 -9.17 8.11 -11.86
N PRO A 6 -8.35 7.33 -11.13
CA PRO A 6 -7.44 7.90 -10.14
C PRO A 6 -6.27 8.56 -10.88
N PHE A 7 -5.79 9.70 -10.40
CA PHE A 7 -4.63 10.38 -11.02
C PHE A 7 -3.94 11.22 -9.96
N LYS A 8 -2.71 11.65 -10.26
CA LYS A 8 -1.94 12.65 -9.46
C LYS A 8 -1.59 13.83 -10.36
N LEU A 9 -1.11 14.92 -9.78
CA LEU A 9 -0.40 16.00 -10.52
C LEU A 9 0.86 15.42 -11.18
N ASP A 10 1.15 15.76 -12.44
CA ASP A 10 2.47 15.42 -13.08
C ASP A 10 3.46 16.54 -12.79
N PRO A 11 4.43 16.33 -11.85
CA PRO A 11 5.31 17.40 -11.41
C PRO A 11 6.21 17.87 -12.58
N LYS A 12 6.31 17.05 -13.63
CA LYS A 12 7.08 17.38 -14.88
C LYS A 12 6.33 18.43 -15.70
N SER A 13 4.99 18.52 -15.59
CA SER A 13 4.12 19.47 -16.33
C SER A 13 4.08 20.85 -15.63
N ALA A 14 4.70 20.98 -14.46
CA ALA A 14 4.46 22.10 -13.53
C ALA A 14 5.33 23.29 -13.91
N HIS A 15 4.73 24.48 -13.97
CA HIS A 15 5.42 25.77 -14.16
C HIS A 15 6.52 25.90 -13.10
N ARG A 16 7.68 26.45 -13.49
CA ARG A 16 8.86 26.66 -12.61
C ARG A 16 8.44 27.46 -11.35
N LYS A 17 7.37 28.26 -11.41
CA LYS A 17 6.92 29.12 -10.26
C LYS A 17 6.01 28.33 -9.30
N LEU A 18 5.72 27.06 -9.59
CA LEU A 18 4.89 26.19 -8.72
C LEU A 18 5.77 25.24 -7.91
N LYS A 19 5.29 24.83 -6.74
CA LYS A 19 5.86 23.73 -5.92
C LYS A 19 4.80 22.64 -5.81
N VAL A 20 5.01 21.50 -6.46
CA VAL A 20 4.21 20.26 -6.29
C VAL A 20 4.76 19.50 -5.07
N SER A 21 3.88 19.00 -4.21
CA SER A 21 4.19 18.29 -2.96
C SER A 21 4.71 16.89 -3.29
N HIS A 22 5.30 16.23 -2.30
CA HIS A 22 5.87 14.86 -2.43
C HIS A 22 4.87 13.91 -3.05
N ASP A 23 3.65 13.93 -2.55
CA ASP A 23 2.64 12.90 -2.90
C ASP A 23 1.93 13.29 -4.21
N ASN A 24 2.24 14.47 -4.75
CA ASN A 24 1.80 14.92 -6.10
C ASN A 24 0.30 15.24 -6.07
N LEU A 25 -0.23 15.68 -4.91
CA LEU A 25 -1.67 15.96 -4.70
C LEU A 25 -1.89 17.42 -4.29
N THR A 26 -0.85 18.15 -3.90
CA THR A 26 -0.98 19.61 -3.60
C THR A 26 -0.05 20.39 -4.54
N VAL A 27 -0.52 21.54 -5.01
CA VAL A 27 0.33 22.48 -5.78
C VAL A 27 0.20 23.89 -5.19
N GLU A 28 1.34 24.52 -4.92
CA GLU A 28 1.48 25.84 -4.26
C GLU A 28 2.29 26.73 -5.18
N ARG A 29 2.06 28.03 -5.09
CA ARG A 29 2.95 29.07 -5.65
C ARG A 29 4.13 29.27 -4.69
N ASP A 30 5.34 29.51 -5.21
CA ASP A 30 6.56 29.97 -4.45
C ASP A 30 6.54 31.50 -4.30
N GLY A 47 2.49 34.65 -16.72
CA GLY A 47 1.73 34.16 -15.54
C GLY A 47 0.50 33.35 -15.93
N SER A 48 0.69 32.10 -16.38
CA SER A 48 -0.33 31.01 -16.36
C SER A 48 0.27 29.80 -15.63
N TYR A 49 0.51 29.96 -14.33
CA TYR A 49 1.25 29.01 -13.46
C TYR A 49 0.41 27.77 -13.23
N GLY A 50 0.72 26.69 -13.95
CA GLY A 50 -0.19 25.55 -14.14
C GLY A 50 0.50 24.22 -13.99
N VAL A 51 -0.29 23.17 -13.83
CA VAL A 51 0.20 21.77 -13.75
C VAL A 51 -0.96 20.88 -14.19
N ALA A 52 -0.65 19.79 -14.87
CA ALA A 52 -1.65 18.85 -15.42
C ALA A 52 -1.75 17.63 -14.51
N GLY A 53 -2.90 16.97 -14.51
CA GLY A 53 -3.04 15.58 -14.07
C GLY A 53 -2.21 14.66 -14.93
N ASN A 54 -1.74 13.56 -14.39
CA ASN A 54 -0.86 12.60 -15.12
C ASN A 54 -1.69 11.57 -15.87
N VAL A 55 -2.82 11.97 -16.44
CA VAL A 55 -3.75 11.04 -17.13
C VAL A 55 -4.42 11.74 -18.31
N PHE A 56 -4.60 11.02 -19.42
CA PHE A 56 -5.49 11.42 -20.55
C PHE A 56 -6.70 10.49 -20.56
N ILE A 57 -7.87 11.12 -20.52
CA ILE A 57 -9.19 10.44 -20.47
C ILE A 57 -9.85 10.59 -21.84
N ASP A 58 -10.28 9.46 -22.40
CA ASP A 58 -10.91 9.37 -23.73
C ASP A 58 -12.17 8.49 -23.65
N SER A 59 -12.72 8.24 -22.45
CA SER A 59 -13.97 7.47 -22.26
C SER A 59 -14.52 7.63 -20.83
N GLY A 60 -15.83 7.44 -20.66
CA GLY A 60 -16.50 7.18 -19.37
C GLY A 60 -16.81 8.46 -18.60
N ARG A 61 -17.23 8.32 -17.34
CA ARG A 61 -17.58 9.44 -16.42
C ARG A 61 -16.61 9.45 -15.25
N HIS A 62 -16.19 10.61 -14.81
CA HIS A 62 -15.09 10.77 -13.85
C HIS A 62 -15.37 11.99 -12.97
N TYR A 63 -15.12 11.84 -11.69
CA TYR A 63 -15.35 12.89 -10.68
C TYR A 63 -14.09 13.00 -9.85
N TRP A 64 -13.65 14.23 -9.61
CA TRP A 64 -12.54 14.58 -8.70
C TRP A 64 -12.84 15.96 -8.10
N GLU A 65 -12.19 16.29 -6.98
CA GLU A 65 -12.42 17.57 -6.28
C GLU A 65 -11.11 18.29 -6.11
N VAL A 66 -11.20 19.60 -5.95
CA VAL A 66 -10.07 20.48 -5.58
C VAL A 66 -10.45 21.23 -4.30
N VAL A 67 -9.67 21.07 -3.23
CA VAL A 67 -9.72 21.91 -2.00
C VAL A 67 -8.85 23.15 -2.18
N ILE A 68 -9.45 24.31 -1.96
CA ILE A 68 -8.80 25.63 -2.14
C ILE A 68 -8.56 26.24 -0.77
N SER A 69 -7.30 26.35 -0.39
CA SER A 69 -6.85 26.93 0.89
C SER A 69 -6.64 28.43 0.73
N GLY A 70 -7.71 29.17 0.46
CA GLY A 70 -7.75 30.64 0.55
C GLY A 70 -7.16 31.34 -0.67
N SER A 71 -6.85 30.59 -1.73
CA SER A 71 -6.34 31.13 -3.01
C SER A 71 -7.39 32.06 -3.64
N THR A 72 -6.98 33.25 -4.09
CA THR A 72 -7.86 34.29 -4.68
C THR A 72 -7.69 34.34 -6.21
N TRP A 73 -6.71 33.63 -6.77
CA TRP A 73 -6.41 33.61 -8.22
C TRP A 73 -6.05 32.18 -8.67
N TYR A 74 -6.93 31.53 -9.41
CA TYR A 74 -6.73 30.14 -9.86
C TYR A 74 -7.70 29.78 -10.98
N ALA A 75 -7.42 28.66 -11.62
CA ALA A 75 -8.24 28.06 -12.68
C ALA A 75 -8.11 26.55 -12.63
N ILE A 76 -9.25 25.87 -12.62
CA ILE A 76 -9.37 24.40 -12.52
C ILE A 76 -10.08 23.95 -13.77
N GLY A 77 -9.58 22.98 -14.49
CA GLY A 77 -10.30 22.53 -15.67
C GLY A 77 -9.70 21.33 -16.37
N LEU A 78 -9.82 21.34 -17.68
CA LEU A 78 -9.51 20.25 -18.62
C LEU A 78 -8.92 20.85 -19.89
N ALA A 79 -8.14 20.08 -20.61
CA ALA A 79 -7.44 20.51 -21.84
C ALA A 79 -7.22 19.30 -22.74
N TYR A 80 -7.36 19.47 -24.05
CA TYR A 80 -6.75 18.56 -25.06
C TYR A 80 -5.24 18.58 -24.92
N LYS A 81 -4.57 17.54 -25.41
CA LYS A 81 -3.07 17.46 -25.48
C LYS A 81 -2.54 18.62 -26.34
N SER A 82 -3.33 19.04 -27.32
CA SER A 82 -3.00 20.12 -28.29
C SER A 82 -2.88 21.48 -27.59
N ALA A 83 -3.41 21.63 -26.36
CA ALA A 83 -3.17 22.82 -25.52
C ALA A 83 -1.71 22.79 -25.07
N PRO A 84 -0.91 23.81 -25.40
CA PRO A 84 0.45 23.89 -24.92
C PRO A 84 0.46 24.00 -23.41
N LYS A 85 1.51 23.46 -22.77
CA LYS A 85 1.81 23.58 -21.33
C LYS A 85 1.49 25.01 -20.88
N HIS A 86 0.70 25.13 -19.81
CA HIS A 86 0.45 26.36 -19.05
C HIS A 86 -0.47 27.28 -19.85
N GLU A 87 -1.17 26.74 -20.85
CA GLU A 87 -2.26 27.44 -21.62
C GLU A 87 -3.61 26.81 -21.25
N TRP A 88 -3.97 26.88 -19.97
CA TRP A 88 -5.01 26.00 -19.37
C TRP A 88 -6.07 26.81 -18.63
N ILE A 89 -6.23 28.08 -18.98
CA ILE A 89 -7.18 28.99 -18.27
C ILE A 89 -8.35 29.36 -19.24
N GLY A 90 -8.58 28.53 -20.25
CA GLY A 90 -9.77 28.61 -21.13
C GLY A 90 -9.68 29.73 -22.18
N LYS A 91 -8.47 30.27 -22.43
CA LYS A 91 -8.21 31.32 -23.44
C LYS A 91 -7.77 30.68 -24.75
N ASN A 92 -8.26 29.47 -25.05
CA ASN A 92 -8.13 28.83 -26.37
C ASN A 92 -9.21 27.76 -26.52
N SER A 93 -9.29 27.13 -27.68
CA SER A 93 -10.36 26.19 -28.06
C SER A 93 -10.07 24.79 -27.47
N ALA A 94 -8.92 24.59 -26.82
CA ALA A 94 -8.48 23.25 -26.35
C ALA A 94 -8.51 23.20 -24.81
N SER A 95 -9.06 24.23 -24.16
CA SER A 95 -9.00 24.48 -22.70
C SER A 95 -10.40 24.89 -22.17
N TRP A 96 -10.90 24.21 -21.13
CA TRP A 96 -12.11 24.60 -20.32
C TRP A 96 -11.69 24.76 -18.87
N ALA A 97 -12.04 25.87 -18.21
CA ALA A 97 -11.58 26.21 -16.83
C ALA A 97 -12.67 26.93 -16.05
N LEU A 98 -12.88 26.56 -14.78
CA LEU A 98 -13.49 27.42 -13.74
C LEU A 98 -12.38 28.32 -13.16
N CYS A 99 -12.62 29.62 -13.11
CA CYS A 99 -11.58 30.62 -12.74
C CYS A 99 -12.10 31.50 -11.61
N ARG A 100 -11.33 31.61 -10.54
CA ARG A 100 -11.46 32.74 -9.59
C ARG A 100 -10.48 33.83 -10.00
N CYS A 101 -11.00 35.05 -10.12
CA CYS A 101 -10.25 36.29 -10.44
C CYS A 101 -10.50 37.30 -9.32
N ASN A 102 -9.92 37.05 -8.15
CA ASN A 102 -10.14 37.83 -6.90
C ASN A 102 -11.59 37.62 -6.44
N ASN A 103 -12.50 38.58 -6.64
CA ASN A 103 -13.92 38.47 -6.18
C ASN A 103 -14.80 37.92 -7.30
N ASN A 104 -14.28 37.90 -8.53
CA ASN A 104 -15.03 37.51 -9.74
C ASN A 104 -14.75 36.05 -10.06
N TRP A 105 -15.80 35.26 -10.20
CA TRP A 105 -15.75 33.87 -10.71
C TRP A 105 -16.35 33.84 -12.10
N VAL A 106 -15.60 33.27 -13.04
CA VAL A 106 -16.08 33.02 -14.42
C VAL A 106 -15.79 31.56 -14.74
N VAL A 107 -16.43 31.01 -15.76
CA VAL A 107 -15.89 29.87 -16.55
C VAL A 107 -15.43 30.45 -17.90
N ARG A 108 -14.41 29.82 -18.50
CA ARG A 108 -13.73 30.31 -19.72
C ARG A 108 -13.48 29.10 -20.64
N HIS A 109 -14.00 29.18 -21.83
CA HIS A 109 -13.61 28.32 -22.96
C HIS A 109 -13.50 29.20 -24.18
N ASN A 110 -12.47 29.01 -24.97
CA ASN A 110 -12.31 29.68 -26.27
C ASN A 110 -12.31 31.20 -26.07
N SER A 111 -11.75 31.68 -24.97
CA SER A 111 -11.58 33.14 -24.63
C SER A 111 -12.93 33.82 -24.33
N LYS A 112 -14.01 33.03 -24.18
CA LYS A 112 -15.34 33.53 -23.71
C LYS A 112 -15.36 33.44 -22.17
N GLU A 113 -15.46 34.59 -21.47
CA GLU A 113 -15.56 34.67 -19.99
C GLU A 113 -17.03 34.70 -19.57
N ILE A 114 -17.56 33.56 -19.13
CA ILE A 114 -19.00 33.41 -18.76
C ILE A 114 -19.11 33.52 -17.26
N PRO A 115 -19.72 34.60 -16.72
CA PRO A 115 -19.90 34.76 -15.28
C PRO A 115 -20.72 33.64 -14.62
N ILE A 116 -20.31 33.26 -13.40
CA ILE A 116 -21.08 32.38 -12.49
C ILE A 116 -21.17 33.08 -11.14
N GLU A 117 -22.11 32.64 -10.31
CA GLU A 117 -22.37 33.24 -9.01
C GLU A 117 -22.34 32.13 -7.97
N PRO A 118 -21.16 31.83 -7.40
CA PRO A 118 -21.07 30.85 -6.34
C PRO A 118 -21.51 31.43 -4.99
N ALA A 119 -21.99 30.58 -4.09
CA ALA A 119 -21.94 30.80 -2.62
C ALA A 119 -20.57 31.35 -2.24
N PRO A 120 -20.49 32.43 -1.43
CA PRO A 120 -19.19 33.01 -1.07
C PRO A 120 -18.37 31.96 -0.33
N HIS A 121 -17.05 32.11 -0.30
CA HIS A 121 -16.13 31.14 0.36
C HIS A 121 -16.33 29.77 -0.27
N LEU A 122 -16.31 29.69 -1.60
CA LEU A 122 -16.21 28.41 -2.36
C LEU A 122 -14.89 27.71 -1.99
N ARG A 123 -14.94 26.55 -1.35
CA ARG A 123 -13.76 25.92 -0.70
C ARG A 123 -13.43 24.57 -1.33
N ARG A 124 -14.42 23.86 -1.82
CA ARG A 124 -14.24 22.50 -2.39
C ARG A 124 -15.08 22.41 -3.67
N VAL A 125 -14.39 22.27 -4.81
CA VAL A 125 -14.95 22.27 -6.18
C VAL A 125 -14.94 20.85 -6.72
N GLY A 126 -16.11 20.38 -7.18
CA GLY A 126 -16.29 19.11 -7.90
C GLY A 126 -16.24 19.31 -9.41
N ILE A 127 -15.52 18.43 -10.11
CA ILE A 127 -15.48 18.38 -11.58
C ILE A 127 -15.99 17.02 -12.00
N LEU A 128 -17.11 17.01 -12.70
CA LEU A 128 -17.69 15.80 -13.30
C LEU A 128 -17.49 15.89 -14.81
N LEU A 129 -16.55 15.11 -15.32
CA LEU A 129 -16.33 14.89 -16.75
C LEU A 129 -17.13 13.66 -17.17
N ASP A 130 -18.14 13.87 -17.98
CA ASP A 130 -18.82 12.81 -18.75
C ASP A 130 -18.27 12.81 -20.16
N TYR A 131 -17.20 12.06 -20.41
CA TYR A 131 -16.51 12.09 -21.73
C TYR A 131 -17.46 11.52 -22.79
N ASP A 132 -18.16 10.43 -22.46
CA ASP A 132 -19.04 9.71 -23.41
C ASP A 132 -20.19 10.62 -23.89
N ASN A 133 -20.87 11.29 -22.95
CA ASN A 133 -22.04 12.16 -23.27
C ASN A 133 -21.58 13.59 -23.57
N GLY A 134 -20.31 13.90 -23.31
CA GLY A 134 -19.72 15.18 -23.73
C GLY A 134 -20.16 16.31 -22.84
N SER A 135 -19.82 16.25 -21.55
CA SER A 135 -20.06 17.36 -20.58
C SER A 135 -18.94 17.45 -19.54
N ILE A 136 -18.66 18.69 -19.15
CA ILE A 136 -17.81 19.13 -18.01
C ILE A 136 -18.72 19.92 -17.09
N ALA A 137 -19.05 19.37 -15.92
CA ALA A 137 -19.92 20.04 -14.92
C ALA A 137 -19.07 20.44 -13.73
N PHE A 138 -19.19 21.70 -13.28
CA PHE A 138 -18.54 22.25 -12.06
C PHE A 138 -19.60 22.39 -10.95
N TYR A 139 -19.21 22.00 -9.74
CA TYR A 139 -20.05 21.97 -8.52
C TYR A 139 -19.28 22.62 -7.37
N ASP A 140 -20.00 23.40 -6.55
CA ASP A 140 -19.68 23.61 -5.11
C ASP A 140 -19.97 22.30 -4.39
N ALA A 141 -18.94 21.49 -4.17
CA ALA A 141 -19.05 20.09 -3.67
C ALA A 141 -19.49 20.11 -2.20
N LEU A 142 -19.06 21.11 -1.44
CA LEU A 142 -19.39 21.27 -0.01
C LEU A 142 -20.91 21.44 0.16
N ASN A 143 -21.54 22.26 -0.69
CA ASN A 143 -22.96 22.71 -0.58
C ASN A 143 -23.82 21.98 -1.61
N SER A 144 -23.24 21.21 -2.50
CA SER A 144 -23.95 20.46 -3.57
C SER A 144 -24.74 21.43 -4.46
N ILE A 145 -24.09 22.48 -4.90
CA ILE A 145 -24.65 23.49 -5.85
C ILE A 145 -23.99 23.26 -7.23
N HIS A 146 -24.78 23.05 -8.28
CA HIS A 146 -24.30 23.12 -9.69
C HIS A 146 -23.89 24.56 -10.02
N LEU A 147 -22.70 24.73 -10.62
CA LEU A 147 -22.13 26.07 -10.97
C LEU A 147 -22.32 26.35 -12.48
N TYR A 148 -22.02 25.37 -13.33
CA TYR A 148 -22.01 25.52 -14.80
C TYR A 148 -21.70 24.17 -15.43
N THR A 149 -22.30 23.87 -16.58
CA THR A 149 -21.97 22.68 -17.42
C THR A 149 -21.57 23.15 -18.83
N PHE A 150 -20.36 22.79 -19.26
CA PHE A 150 -19.94 22.83 -20.68
C PHE A 150 -20.42 21.57 -21.40
N ASP A 151 -21.12 21.76 -22.50
CA ASP A 151 -21.44 20.71 -23.50
C ASP A 151 -20.36 20.73 -24.57
N VAL A 152 -19.75 19.57 -24.83
CA VAL A 152 -18.57 19.42 -25.74
C VAL A 152 -18.74 18.08 -26.46
N ALA A 153 -18.60 18.06 -27.77
CA ALA A 153 -18.24 16.86 -28.56
C ALA A 153 -16.71 16.75 -28.58
N PHE A 154 -16.13 16.04 -27.60
CA PHE A 154 -14.65 15.90 -27.42
C PHE A 154 -14.04 15.26 -28.67
N ALA A 155 -13.07 15.95 -29.28
CA ALA A 155 -12.33 15.51 -30.49
C ALA A 155 -11.11 14.67 -30.10
N GLN A 156 -10.56 14.90 -28.91
CA GLN A 156 -9.27 14.33 -28.43
C GLN A 156 -9.41 13.90 -26.97
N PRO A 157 -8.43 13.14 -26.43
CA PRO A 157 -8.39 12.89 -24.99
C PRO A 157 -8.11 14.19 -24.21
N VAL A 158 -8.57 14.24 -22.97
CA VAL A 158 -8.44 15.44 -22.08
C VAL A 158 -7.68 15.02 -20.81
N CYS A 159 -6.91 15.94 -20.25
CA CYS A 159 -6.24 15.81 -18.96
C CYS A 159 -6.71 16.93 -18.06
N PRO A 160 -6.89 16.66 -16.76
CA PRO A 160 -7.21 17.70 -15.79
C PRO A 160 -6.08 18.73 -15.74
N THR A 161 -6.39 19.95 -15.40
CA THR A 161 -5.41 21.05 -15.34
C THR A 161 -5.69 21.91 -14.12
N PHE A 162 -4.63 22.45 -13.51
CA PHE A 162 -4.70 23.27 -12.29
C PHE A 162 -3.73 24.42 -12.44
N THR A 163 -4.27 25.62 -12.37
CA THR A 163 -3.50 26.87 -12.42
C THR A 163 -3.73 27.62 -11.12
N VAL A 164 -2.66 28.04 -10.45
CA VAL A 164 -2.75 28.76 -9.16
C VAL A 164 -1.71 29.89 -9.14
N TRP A 165 -2.13 31.07 -8.72
CA TRP A 165 -1.29 32.29 -8.71
C TRP A 165 -0.86 32.64 -7.27
N ASN A 166 -1.58 32.14 -6.27
CA ASN A 166 -1.24 32.36 -4.83
C ASN A 166 -1.89 31.25 -3.98
N LYS A 167 -1.29 30.97 -2.82
CA LYS A 167 -1.69 29.86 -1.91
C LYS A 167 -1.61 28.55 -2.68
N CYS A 168 -2.48 27.58 -2.37
CA CYS A 168 -2.32 26.17 -2.82
C CYS A 168 -3.66 25.53 -3.13
N LEU A 169 -3.62 24.46 -3.90
CA LEU A 169 -4.77 23.61 -4.30
C LEU A 169 -4.43 22.18 -3.91
N THR A 170 -5.42 21.42 -3.41
CA THR A 170 -5.29 19.96 -3.19
C THR A 170 -6.37 19.20 -3.94
N ILE A 171 -5.98 18.16 -4.67
CA ILE A 171 -6.88 17.36 -5.52
C ILE A 171 -7.26 16.10 -4.79
N ILE A 172 -8.48 15.64 -4.98
CA ILE A 172 -8.95 14.32 -4.48
C ILE A 172 -9.53 13.60 -5.69
N THR A 173 -8.95 12.46 -6.06
CA THR A 173 -9.22 11.78 -7.35
C THR A 173 -9.63 10.33 -7.07
N GLY A 174 -10.19 9.65 -8.06
CA GLY A 174 -10.62 8.24 -7.95
C GLY A 174 -11.94 8.13 -7.22
N LEU A 175 -12.70 9.24 -7.12
CA LEU A 175 -13.95 9.31 -6.33
C LEU A 175 -15.07 8.61 -7.10
N PRO A 176 -15.98 7.91 -6.41
CA PRO A 176 -17.28 7.57 -7.00
C PRO A 176 -17.96 8.84 -7.53
N ILE A 177 -18.74 8.71 -8.59
CA ILE A 177 -19.72 9.76 -8.99
C ILE A 177 -20.74 9.87 -7.86
N PRO A 178 -20.84 11.05 -7.21
CA PRO A 178 -21.67 11.18 -6.00
C PRO A 178 -23.16 11.29 -6.34
N ASP A 179 -24.04 10.87 -5.42
CA ASP A 179 -25.51 11.02 -5.53
C ASP A 179 -25.94 12.39 -5.00
N HIS A 180 -25.12 12.99 -4.12
CA HIS A 180 -25.41 14.29 -3.43
C HIS A 180 -25.37 15.44 -4.44
N LEU A 181 -25.03 15.16 -5.71
CA LEU A 181 -25.11 16.11 -6.85
C LEU A 181 -26.04 15.53 -7.91
N ASP A 182 -26.39 16.32 -8.92
CA ASP A 182 -27.26 15.92 -10.04
C ASP A 182 -27.02 16.87 -11.23
N ASN B 3 10.03 2.56 -1.80
CA ASN B 3 9.86 1.16 -2.24
C ASN B 3 8.37 0.86 -2.51
N SER B 4 8.03 -0.40 -2.39
CA SER B 4 6.90 -1.09 -3.04
C SER B 4 5.89 -1.36 -1.91
N GLN B 5 4.62 -0.95 -2.04
CA GLN B 5 3.51 -1.22 -1.07
C GLN B 5 3.56 -2.67 -0.57
N PRO B 6 3.83 -2.92 0.73
CA PRO B 6 3.67 -4.26 1.30
C PRO B 6 2.18 -4.60 1.42
N PHE B 7 1.80 -5.83 1.15
CA PHE B 7 0.39 -6.28 1.23
C PHE B 7 0.37 -7.76 1.60
N LYS B 8 -0.80 -8.25 2.04
CA LYS B 8 -1.08 -9.68 2.29
C LYS B 8 -2.27 -10.11 1.43
N LEU B 9 -2.54 -11.41 1.34
CA LEU B 9 -3.83 -11.96 0.85
C LEU B 9 -4.96 -11.47 1.77
N ASP B 10 -6.12 -11.06 1.22
CA ASP B 10 -7.36 -10.80 2.01
C ASP B 10 -8.14 -12.11 2.14
N PRO B 11 -8.14 -12.76 3.34
CA PRO B 11 -8.76 -14.08 3.50
C PRO B 11 -10.27 -14.00 3.29
N LYS B 12 -10.83 -12.78 3.36
CA LYS B 12 -12.28 -12.50 3.13
C LYS B 12 -12.61 -12.59 1.63
N SER B 13 -11.63 -12.37 0.75
CA SER B 13 -11.78 -12.43 -0.73
C SER B 13 -11.67 -13.88 -1.25
N ALA B 14 -11.32 -14.85 -0.40
CA ALA B 14 -10.87 -16.20 -0.83
C ALA B 14 -12.05 -17.11 -1.12
N HIS B 15 -12.00 -17.80 -2.26
CA HIS B 15 -12.99 -18.85 -2.67
C HIS B 15 -13.06 -19.90 -1.57
N ARG B 16 -14.26 -20.41 -1.30
CA ARG B 16 -14.54 -21.43 -0.26
C ARG B 16 -13.64 -22.67 -0.47
N LYS B 17 -13.14 -22.91 -1.69
CA LYS B 17 -12.29 -24.11 -2.00
C LYS B 17 -10.81 -23.82 -1.71
N LEU B 18 -10.48 -22.61 -1.26
CA LEU B 18 -9.08 -22.23 -0.90
C LEU B 18 -8.89 -22.26 0.63
N LYS B 19 -7.66 -22.48 1.08
CA LYS B 19 -7.20 -22.28 2.47
C LYS B 19 -6.11 -21.20 2.46
N VAL B 20 -6.41 -20.03 3.02
CA VAL B 20 -5.40 -18.94 3.30
C VAL B 20 -4.75 -19.21 4.65
N SER B 21 -3.44 -19.07 4.73
CA SER B 21 -2.62 -19.41 5.92
C SER B 21 -2.80 -18.32 6.99
N HIS B 22 -2.30 -18.57 8.19
CA HIS B 22 -2.35 -17.64 9.35
C HIS B 22 -1.83 -16.29 8.98
N ASP B 23 -0.68 -16.25 8.34
CA ASP B 23 0.07 -15.00 8.11
C ASP B 23 -0.44 -14.32 6.84
N ASN B 24 -1.37 -14.97 6.11
CA ASN B 24 -2.10 -14.39 4.96
C ASN B 24 -1.13 -14.22 3.76
N LEU B 25 -0.11 -15.08 3.67
CA LEU B 25 0.94 -15.03 2.62
C LEU B 25 0.97 -16.32 1.80
N THR B 26 0.29 -17.38 2.22
CA THR B 26 0.18 -18.63 1.42
C THR B 26 -1.29 -18.90 1.14
N VAL B 27 -1.59 -19.37 -0.06
CA VAL B 27 -2.95 -19.87 -0.41
C VAL B 27 -2.83 -21.25 -1.05
N GLU B 28 -3.61 -22.19 -0.54
CA GLU B 28 -3.64 -23.63 -0.94
C GLU B 28 -5.05 -23.99 -1.34
N ARG B 29 -5.18 -24.94 -2.25
CA ARG B 29 -6.44 -25.64 -2.57
C ARG B 29 -6.66 -26.72 -1.51
N ASP B 30 -7.91 -26.93 -1.07
CA ASP B 30 -8.34 -28.03 -0.13
C ASP B 30 -8.70 -29.31 -0.90
N GLU B 31 -8.00 -30.42 -0.59
CA GLU B 31 -8.48 -31.81 -0.81
C GLU B 31 -8.95 -32.39 0.54
N GLN B 46 -19.43 -22.34 -7.78
CA GLN B 46 -18.01 -21.87 -7.77
C GLN B 46 -17.80 -20.85 -8.89
N GLY B 47 -16.67 -20.12 -8.83
CA GLY B 47 -16.00 -19.43 -9.97
C GLY B 47 -14.66 -20.09 -10.28
N SER B 48 -13.61 -19.29 -10.52
CA SER B 48 -12.17 -19.69 -10.51
C SER B 48 -11.60 -19.50 -9.10
N TYR B 49 -10.89 -20.48 -8.55
CA TYR B 49 -10.51 -20.54 -7.10
C TYR B 49 -9.44 -19.48 -6.81
N GLY B 50 -9.85 -18.35 -6.25
CA GLY B 50 -9.05 -17.11 -6.26
C GLY B 50 -9.07 -16.39 -4.94
N VAL B 51 -8.12 -15.46 -4.77
CA VAL B 51 -8.00 -14.58 -3.59
C VAL B 51 -7.26 -13.32 -4.01
N ALA B 52 -7.63 -12.17 -3.47
CA ALA B 52 -7.08 -10.85 -3.82
C ALA B 52 -6.08 -10.42 -2.74
N GLY B 53 -5.13 -9.58 -3.10
CA GLY B 53 -4.33 -8.80 -2.16
C GLY B 53 -5.21 -7.83 -1.42
N ASN B 54 -4.82 -7.44 -0.22
CA ASN B 54 -5.61 -6.56 0.67
C ASN B 54 -5.25 -5.10 0.39
N VAL B 55 -4.96 -4.76 -0.85
CA VAL B 55 -4.53 -3.38 -1.21
C VAL B 55 -5.09 -3.04 -2.60
N PHE B 56 -5.51 -1.78 -2.77
CA PHE B 56 -5.76 -1.15 -4.08
C PHE B 56 -4.63 -0.16 -4.37
N ILE B 57 -4.04 -0.32 -5.53
CA ILE B 57 -2.91 0.51 -6.03
C ILE B 57 -3.44 1.42 -7.14
N ASP B 58 -3.21 2.72 -7.00
CA ASP B 58 -3.67 3.76 -7.95
C ASP B 58 -2.50 4.72 -8.27
N SER B 59 -1.25 4.37 -7.96
CA SER B 59 -0.06 5.19 -8.29
C SER B 59 1.23 4.38 -8.08
N GLY B 60 2.30 4.77 -8.78
CA GLY B 60 3.68 4.39 -8.48
C GLY B 60 4.01 3.05 -9.10
N ARG B 61 5.18 2.52 -8.73
CA ARG B 61 5.74 1.25 -9.22
C ARG B 61 5.86 0.29 -8.07
N HIS B 62 5.56 -0.97 -8.31
CA HIS B 62 5.43 -2.00 -7.26
C HIS B 62 5.91 -3.33 -7.81
N TYR B 63 6.68 -4.04 -7.03
CA TYR B 63 7.22 -5.37 -7.36
C TYR B 63 6.88 -6.32 -6.21
N TRP B 64 6.37 -7.49 -6.55
CA TRP B 64 6.12 -8.62 -5.63
C TRP B 64 6.36 -9.94 -6.38
N GLU B 65 6.58 -11.02 -5.66
CA GLU B 65 6.88 -12.34 -6.23
C GLU B 65 5.89 -13.35 -5.71
N VAL B 66 5.67 -14.39 -6.49
CA VAL B 66 4.90 -15.59 -6.09
C VAL B 66 5.82 -16.80 -6.21
N VAL B 67 6.06 -17.50 -5.08
CA VAL B 67 6.73 -18.83 -5.05
C VAL B 67 5.71 -19.92 -5.25
N ILE B 68 5.95 -20.79 -6.23
CA ILE B 68 5.02 -21.86 -6.64
C ILE B 68 5.59 -23.20 -6.20
N SER B 69 4.95 -23.82 -5.21
CA SER B 69 5.33 -25.11 -4.62
C SER B 69 4.64 -26.23 -5.41
N GLY B 70 5.04 -26.40 -6.67
CA GLY B 70 4.72 -27.58 -7.50
C GLY B 70 3.33 -27.51 -8.10
N SER B 71 2.62 -26.39 -7.96
CA SER B 71 1.29 -26.16 -8.57
C SER B 71 1.42 -26.16 -10.10
N THR B 72 0.56 -26.91 -10.78
CA THR B 72 0.57 -27.04 -12.26
C THR B 72 -0.60 -26.26 -12.88
N TRP B 73 -1.50 -25.70 -12.07
CA TRP B 73 -2.71 -24.95 -12.56
C TRP B 73 -2.96 -23.71 -11.66
N TYR B 74 -2.68 -22.52 -12.19
CA TYR B 74 -2.77 -21.26 -11.43
C TYR B 74 -2.76 -20.07 -12.37
N ALA B 75 -3.15 -18.93 -11.82
CA ALA B 75 -3.16 -17.63 -12.48
C ALA B 75 -2.78 -16.56 -11.47
N ILE B 76 -1.81 -15.73 -11.83
CA ILE B 76 -1.31 -14.59 -11.00
C ILE B 76 -1.59 -13.34 -11.79
N GLY B 77 -2.22 -12.35 -11.21
CA GLY B 77 -2.36 -11.09 -11.94
C GLY B 77 -2.87 -9.95 -11.12
N LEU B 78 -3.69 -9.14 -11.77
CA LEU B 78 -4.24 -7.86 -11.31
C LEU B 78 -5.66 -7.75 -11.83
N ALA B 79 -6.46 -6.94 -11.18
CA ALA B 79 -7.89 -6.72 -11.49
C ALA B 79 -8.29 -5.35 -11.00
N TYR B 80 -9.14 -4.66 -11.74
CA TYR B 80 -9.98 -3.55 -11.23
C TYR B 80 -10.90 -4.08 -10.13
N LYS B 81 -11.40 -3.17 -9.30
CA LYS B 81 -12.46 -3.46 -8.28
C LYS B 81 -13.71 -3.99 -9.00
N SER B 82 -13.96 -3.50 -10.22
CA SER B 82 -15.15 -3.81 -11.04
C SER B 82 -15.15 -5.28 -11.46
N ALA B 83 -13.99 -5.97 -11.39
CA ALA B 83 -13.93 -7.44 -11.58
C ALA B 83 -14.63 -8.11 -10.40
N PRO B 84 -15.69 -8.91 -10.65
CA PRO B 84 -16.36 -9.63 -9.58
C PRO B 84 -15.38 -10.63 -8.97
N LYS B 85 -15.54 -10.91 -7.69
CA LYS B 85 -14.78 -11.91 -6.91
C LYS B 85 -14.63 -13.17 -7.76
N HIS B 86 -13.41 -13.66 -7.86
CA HIS B 86 -13.06 -14.99 -8.43
C HIS B 86 -13.21 -14.96 -9.95
N GLU B 87 -13.26 -13.75 -10.54
CA GLU B 87 -13.23 -13.54 -12.03
C GLU B 87 -11.88 -12.88 -12.39
N TRP B 88 -10.79 -13.56 -12.11
CA TRP B 88 -9.42 -12.96 -12.03
C TRP B 88 -8.43 -13.72 -12.90
N ILE B 89 -8.90 -14.45 -13.91
CA ILE B 89 -8.01 -15.28 -14.78
C ILE B 89 -7.97 -14.67 -16.21
N GLY B 90 -8.29 -13.38 -16.34
CA GLY B 90 -8.13 -12.60 -17.59
C GLY B 90 -9.21 -12.88 -18.62
N LYS B 91 -10.35 -13.49 -18.22
CA LYS B 91 -11.51 -13.76 -19.12
C LYS B 91 -12.52 -12.61 -19.04
N ASN B 92 -12.06 -11.39 -18.77
CA ASN B 92 -12.88 -10.17 -18.86
C ASN B 92 -11.95 -8.96 -19.00
N SER B 93 -12.52 -7.78 -19.19
CA SER B 93 -11.80 -6.54 -19.55
C SER B 93 -11.20 -5.89 -18.29
N ALA B 94 -11.47 -6.44 -17.09
CA ALA B 94 -11.05 -5.82 -15.79
C ALA B 94 -9.97 -6.68 -15.11
N SER B 95 -9.45 -7.70 -15.82
CA SER B 95 -8.56 -8.77 -15.29
C SER B 95 -7.36 -9.02 -16.25
N TRP B 96 -6.11 -8.98 -15.75
CA TRP B 96 -4.86 -9.41 -16.43
C TRP B 96 -4.20 -10.49 -15.60
N ALA B 97 -3.84 -11.64 -16.20
CA ALA B 97 -3.28 -12.81 -15.49
C ALA B 97 -2.19 -13.50 -16.32
N LEU B 98 -1.10 -13.90 -15.69
CA LEU B 98 -0.23 -15.01 -16.16
C LEU B 98 -0.84 -16.34 -15.67
N CYS B 99 -1.01 -17.31 -16.57
CA CYS B 99 -1.70 -18.58 -16.30
C CYS B 99 -0.79 -19.74 -16.69
N ARG B 100 -0.56 -20.64 -15.76
CA ARG B 100 -0.04 -21.99 -16.04
C ARG B 100 -1.23 -22.92 -16.21
N CYS B 101 -1.24 -23.64 -17.32
CA CYS B 101 -2.26 -24.66 -17.70
C CYS B 101 -1.50 -25.98 -17.94
N ASN B 102 -0.98 -26.55 -16.86
CA ASN B 102 0.01 -27.66 -16.84
C ASN B 102 1.29 -27.20 -17.55
N ASN B 103 1.54 -27.65 -18.78
CA ASN B 103 2.81 -27.32 -19.51
C ASN B 103 2.58 -26.20 -20.50
N ASN B 104 1.34 -25.72 -20.63
CA ASN B 104 1.03 -24.50 -21.43
C ASN B 104 0.96 -23.28 -20.51
N TRP B 105 1.77 -22.28 -20.78
CA TRP B 105 1.71 -20.94 -20.13
C TRP B 105 1.15 -19.96 -21.14
N VAL B 106 0.14 -19.23 -20.73
CA VAL B 106 -0.45 -18.11 -21.49
C VAL B 106 -0.48 -16.90 -20.57
N VAL B 107 -0.60 -15.71 -21.12
CA VAL B 107 -1.19 -14.53 -20.45
C VAL B 107 -2.57 -14.31 -21.07
N ARG B 108 -3.51 -13.79 -20.27
CA ARG B 108 -4.94 -13.63 -20.64
C ARG B 108 -5.40 -12.24 -20.16
N HIS B 109 -5.90 -11.45 -21.09
CA HIS B 109 -6.69 -10.24 -20.83
C HIS B 109 -7.86 -10.22 -21.79
N ASN B 110 -9.05 -9.91 -21.30
CA ASN B 110 -10.25 -9.70 -22.13
C ASN B 110 -10.51 -10.96 -22.97
N SER B 111 -10.25 -12.14 -22.41
CA SER B 111 -10.53 -13.49 -23.03
C SER B 111 -9.59 -13.75 -24.23
N LYS B 112 -8.55 -12.95 -24.42
CA LYS B 112 -7.44 -13.24 -25.36
C LYS B 112 -6.36 -14.07 -24.64
N GLU B 113 -6.15 -15.32 -25.06
CA GLU B 113 -5.08 -16.23 -24.56
C GLU B 113 -3.80 -16.08 -25.40
N ILE B 114 -2.82 -15.34 -24.89
CA ILE B 114 -1.54 -15.05 -25.61
C ILE B 114 -0.48 -16.00 -25.08
N PRO B 115 -0.01 -16.97 -25.89
CA PRO B 115 1.05 -17.88 -25.47
C PRO B 115 2.39 -17.19 -25.12
N ILE B 116 3.06 -17.69 -24.08
CA ILE B 116 4.45 -17.32 -23.70
C ILE B 116 5.26 -18.61 -23.52
N GLU B 117 6.57 -18.47 -23.54
CA GLU B 117 7.50 -19.60 -23.41
C GLU B 117 8.49 -19.27 -22.29
N PRO B 118 8.17 -19.66 -21.05
CA PRO B 118 9.17 -19.63 -19.97
C PRO B 118 10.17 -20.78 -20.10
N ALA B 119 11.37 -20.59 -19.56
CA ALA B 119 12.26 -21.64 -19.04
C ALA B 119 11.44 -22.66 -18.26
N PRO B 120 11.58 -23.98 -18.51
CA PRO B 120 10.78 -24.98 -17.82
C PRO B 120 11.07 -24.91 -16.31
N HIS B 121 10.17 -25.42 -15.49
CA HIS B 121 10.33 -25.43 -14.01
C HIS B 121 10.43 -23.98 -13.51
N LEU B 122 9.59 -23.09 -14.03
CA LEU B 122 9.36 -21.72 -13.49
C LEU B 122 8.84 -21.85 -12.04
N ARG B 123 9.59 -21.35 -11.06
CA ARG B 123 9.32 -21.60 -9.61
C ARG B 123 9.00 -20.28 -8.89
N ARG B 124 9.55 -19.17 -9.35
CA ARG B 124 9.40 -17.86 -8.69
C ARG B 124 9.13 -16.80 -9.76
N VAL B 125 7.94 -16.20 -9.69
CA VAL B 125 7.41 -15.22 -10.70
C VAL B 125 7.41 -13.83 -10.09
N GLY B 126 8.02 -12.88 -10.78
CA GLY B 126 8.02 -11.44 -10.45
C GLY B 126 6.91 -10.71 -11.19
N ILE B 127 6.19 -9.84 -10.50
CA ILE B 127 5.19 -8.93 -11.10
C ILE B 127 5.64 -7.50 -10.81
N LEU B 128 5.96 -6.78 -11.87
CA LEU B 128 6.25 -5.33 -11.79
C LEU B 128 5.06 -4.57 -12.38
N LEU B 129 4.29 -3.95 -11.51
CA LEU B 129 3.24 -2.99 -11.86
C LEU B 129 3.84 -1.59 -11.86
N ASP B 130 3.90 -0.99 -13.03
CA ASP B 130 4.12 0.45 -13.19
C ASP B 130 2.78 1.13 -13.44
N TYR B 131 2.09 1.54 -12.37
CA TYR B 131 0.72 2.11 -12.49
C TYR B 131 0.79 3.42 -13.28
N ASP B 132 1.79 4.26 -12.98
CA ASP B 132 1.93 5.63 -13.56
C ASP B 132 2.11 5.53 -15.09
N ASN B 133 3.03 4.67 -15.54
CA ASN B 133 3.38 4.52 -16.97
C ASN B 133 2.47 3.48 -17.62
N GLY B 134 1.69 2.74 -16.83
CA GLY B 134 0.68 1.83 -17.35
C GLY B 134 1.29 0.58 -17.96
N SER B 135 1.97 -0.23 -17.15
CA SER B 135 2.44 -1.58 -17.54
C SER B 135 2.36 -2.56 -16.36
N ILE B 136 2.10 -3.82 -16.73
CA ILE B 136 2.19 -5.05 -15.92
C ILE B 136 3.22 -5.93 -16.60
N ALA B 137 4.40 -6.09 -15.99
CA ALA B 137 5.47 -6.94 -16.55
C ALA B 137 5.58 -8.19 -15.68
N PHE B 138 5.61 -9.37 -16.33
CA PHE B 138 5.88 -10.69 -15.68
C PHE B 138 7.33 -11.14 -15.97
N TYR B 139 7.98 -11.64 -14.94
CA TYR B 139 9.40 -12.10 -14.95
C TYR B 139 9.49 -13.49 -14.31
N ASP B 140 10.34 -14.34 -14.91
CA ASP B 140 11.03 -15.48 -14.22
C ASP B 140 12.06 -14.85 -13.29
N ALA B 141 11.72 -14.71 -12.01
CA ALA B 141 12.51 -13.94 -11.02
C ALA B 141 13.80 -14.69 -10.69
N LEU B 142 13.76 -16.02 -10.72
CA LEU B 142 14.92 -16.88 -10.43
C LEU B 142 16.04 -16.62 -11.48
N ASN B 143 15.66 -16.53 -12.76
CA ASN B 143 16.59 -16.48 -13.93
C ASN B 143 16.67 -15.07 -14.48
N SER B 144 15.84 -14.15 -14.01
CA SER B 144 15.79 -12.75 -14.49
C SER B 144 15.49 -12.73 -16.00
N ILE B 145 14.47 -13.47 -16.39
CA ILE B 145 13.93 -13.51 -17.78
C ILE B 145 12.60 -12.74 -17.81
N HIS B 146 12.46 -11.76 -18.67
CA HIS B 146 11.16 -11.12 -19.01
C HIS B 146 10.26 -12.14 -19.73
N LEU B 147 9.00 -12.25 -19.29
CA LEU B 147 8.02 -13.23 -19.84
C LEU B 147 7.04 -12.50 -20.79
N TYR B 148 6.51 -11.35 -20.37
CA TYR B 148 5.45 -10.60 -21.12
C TYR B 148 5.20 -9.29 -20.40
N THR B 149 4.90 -8.23 -21.15
CA THR B 149 4.42 -6.92 -20.60
C THR B 149 3.07 -6.56 -21.20
N PHE B 150 2.05 -6.39 -20.35
CA PHE B 150 0.79 -5.70 -20.73
C PHE B 150 0.98 -4.19 -20.62
N ASP B 151 0.66 -3.47 -21.70
CA ASP B 151 0.47 -2.01 -21.70
C ASP B 151 -1.00 -1.70 -21.44
N VAL B 152 -1.26 -0.89 -20.43
CA VAL B 152 -2.62 -0.55 -19.94
C VAL B 152 -2.62 0.93 -19.58
N ALA B 153 -3.59 1.69 -20.05
CA ALA B 153 -4.04 2.97 -19.46
C ALA B 153 -5.07 2.64 -18.37
N PHE B 154 -4.62 2.43 -17.13
CA PHE B 154 -5.45 2.02 -15.97
C PHE B 154 -6.52 3.08 -15.72
N ALA B 155 -7.79 2.67 -15.76
CA ALA B 155 -8.99 3.52 -15.54
C ALA B 155 -9.34 3.58 -14.05
N GLN B 156 -8.96 2.54 -13.30
CA GLN B 156 -9.39 2.32 -11.89
C GLN B 156 -8.19 1.84 -11.08
N PRO B 157 -8.30 1.81 -9.73
CA PRO B 157 -7.27 1.16 -8.92
C PRO B 157 -7.30 -0.36 -9.15
N VAL B 158 -6.16 -1.01 -8.94
CA VAL B 158 -5.96 -2.47 -9.17
C VAL B 158 -5.54 -3.11 -7.85
N CYS B 159 -5.95 -4.34 -7.64
CA CYS B 159 -5.47 -5.20 -6.55
C CYS B 159 -4.85 -6.44 -7.18
N PRO B 160 -3.75 -6.93 -6.59
CA PRO B 160 -3.16 -8.20 -7.01
C PRO B 160 -4.18 -9.33 -6.84
N THR B 161 -4.08 -10.39 -7.65
CA THR B 161 -5.02 -11.52 -7.59
C THR B 161 -4.25 -12.82 -7.75
N PHE B 162 -4.71 -13.88 -7.08
CA PHE B 162 -4.06 -15.21 -7.10
C PHE B 162 -5.14 -16.27 -7.22
N THR B 163 -5.03 -17.08 -8.24
CA THR B 163 -5.95 -18.20 -8.49
C THR B 163 -5.12 -19.48 -8.51
N VAL B 164 -5.53 -20.49 -7.76
CA VAL B 164 -4.77 -21.76 -7.68
C VAL B 164 -5.76 -22.93 -7.65
N TRP B 165 -5.49 -23.93 -8.49
CA TRP B 165 -6.37 -25.10 -8.69
C TRP B 165 -5.79 -26.34 -8.00
N ASN B 166 -4.49 -26.35 -7.68
CA ASN B 166 -3.84 -27.45 -6.94
C ASN B 166 -2.57 -26.93 -6.27
N LYS B 167 -2.16 -27.58 -5.17
CA LYS B 167 -0.99 -27.20 -4.33
C LYS B 167 -1.18 -25.75 -3.86
N CYS B 168 -0.10 -24.99 -3.70
CA CYS B 168 -0.13 -23.68 -3.01
C CYS B 168 0.76 -22.67 -3.69
N LEU B 169 0.50 -21.39 -3.38
CA LEU B 169 1.30 -20.22 -3.82
C LEU B 169 1.69 -19.45 -2.57
N THR B 170 2.89 -18.89 -2.56
CA THR B 170 3.35 -17.96 -1.48
C THR B 170 3.81 -16.64 -2.10
N ILE B 171 3.34 -15.54 -1.54
CA ILE B 171 3.61 -14.17 -2.05
C ILE B 171 4.74 -13.57 -1.22
N ILE B 172 5.58 -12.78 -1.85
CA ILE B 172 6.61 -11.97 -1.18
C ILE B 172 6.41 -10.54 -1.67
N THR B 173 6.10 -9.62 -0.77
CA THR B 173 5.59 -8.26 -1.11
C THR B 173 6.46 -7.21 -0.43
N GLY B 174 6.36 -5.97 -0.87
CA GLY B 174 7.13 -4.85 -0.30
C GLY B 174 8.57 -4.84 -0.79
N LEU B 175 8.85 -5.56 -1.88
CA LEU B 175 10.23 -5.73 -2.43
C LEU B 175 10.66 -4.45 -3.13
N PRO B 176 11.94 -4.05 -2.99
CA PRO B 176 12.51 -3.06 -3.92
C PRO B 176 12.27 -3.50 -5.37
N ILE B 177 12.07 -2.55 -6.27
CA ILE B 177 12.14 -2.81 -7.73
C ILE B 177 13.57 -3.23 -8.02
N PRO B 178 13.81 -4.47 -8.51
CA PRO B 178 15.16 -5.01 -8.60
C PRO B 178 15.89 -4.47 -9.84
N ASP B 179 17.22 -4.41 -9.79
CA ASP B 179 18.09 -3.93 -10.90
C ASP B 179 18.42 -5.10 -11.83
N HIS B 180 18.32 -6.34 -11.32
CA HIS B 180 18.53 -7.64 -12.05
C HIS B 180 17.68 -7.74 -13.32
N LEU B 181 16.39 -7.41 -13.20
CA LEU B 181 15.46 -7.19 -14.34
C LEU B 181 14.98 -5.72 -14.26
N ASP B 182 14.84 -5.04 -15.40
CA ASP B 182 14.57 -3.59 -15.46
C ASP B 182 14.01 -3.22 -16.83
N ASN C 3 14.13 -2.48 11.49
CA ASN C 3 13.52 -3.60 12.31
C ASN C 3 14.34 -4.87 12.06
N SER C 4 13.70 -5.91 11.57
CA SER C 4 14.32 -7.17 11.10
C SER C 4 15.28 -6.87 9.91
N GLN C 5 16.59 -6.94 10.15
CA GLN C 5 17.69 -6.71 9.16
C GLN C 5 17.41 -7.48 7.87
N PRO C 6 17.21 -6.79 6.74
CA PRO C 6 17.15 -7.47 5.44
C PRO C 6 18.57 -7.93 5.04
N PHE C 7 18.67 -9.09 4.42
CA PHE C 7 19.95 -9.66 3.96
C PHE C 7 19.70 -10.52 2.73
N LYS C 8 20.77 -10.85 2.00
CA LYS C 8 20.77 -11.84 0.89
C LYS C 8 21.78 -12.93 1.21
N LEU C 9 21.76 -14.03 0.45
CA LEU C 9 22.86 -15.02 0.41
C LEU C 9 24.14 -14.31 -0.08
N ASP C 10 25.30 -14.59 0.53
CA ASP C 10 26.64 -14.17 -0.02
C ASP C 10 27.14 -15.26 -0.97
N PRO C 11 27.07 -15.05 -2.32
CA PRO C 11 27.44 -16.08 -3.28
C PRO C 11 28.92 -16.44 -3.17
N LYS C 12 29.71 -15.56 -2.53
CA LYS C 12 31.17 -15.76 -2.28
C LYS C 12 31.38 -16.79 -1.15
N SER C 13 30.40 -16.99 -0.25
CA SER C 13 30.45 -17.98 0.86
C SER C 13 30.01 -19.39 0.38
N ALA C 14 29.58 -19.54 -0.85
CA ALA C 14 28.78 -20.73 -1.29
C ALA C 14 29.72 -21.85 -1.70
N HIS C 15 29.43 -23.07 -1.23
CA HIS C 15 30.13 -24.33 -1.61
C HIS C 15 30.07 -24.47 -3.14
N ARG C 16 31.18 -24.92 -3.74
CA ARG C 16 31.33 -25.11 -5.21
C ARG C 16 30.19 -26.02 -5.74
N LYS C 17 29.56 -26.85 -4.89
CA LYS C 17 28.48 -27.79 -5.33
C LYS C 17 27.11 -27.10 -5.29
N LEU C 18 27.05 -25.82 -4.90
CA LEU C 18 25.79 -25.02 -4.87
C LEU C 18 25.72 -24.08 -6.08
N LYS C 19 24.51 -23.69 -6.48
CA LYS C 19 24.21 -22.63 -7.47
C LYS C 19 23.34 -21.59 -6.78
N VAL C 20 23.88 -20.41 -6.50
CA VAL C 20 23.15 -19.22 -5.98
C VAL C 20 22.55 -18.45 -7.16
N SER C 21 21.30 -18.03 -7.04
CA SER C 21 20.51 -17.35 -8.08
C SER C 21 20.99 -15.90 -8.25
N HIS C 22 20.58 -15.24 -9.32
CA HIS C 22 20.94 -13.85 -9.66
C HIS C 22 20.68 -12.93 -8.48
N ASP C 23 19.51 -13.06 -7.88
CA ASP C 23 19.03 -12.08 -6.87
C ASP C 23 19.56 -12.47 -5.49
N ASN C 24 20.25 -13.61 -5.39
CA ASN C 24 21.01 -14.03 -4.18
C ASN C 24 19.99 -14.44 -3.07
N LEU C 25 18.83 -14.95 -3.47
CA LEU C 25 17.72 -15.34 -2.56
C LEU C 25 17.37 -16.83 -2.72
N THR C 26 17.86 -17.52 -3.75
CA THR C 26 17.67 -18.99 -3.88
C THR C 26 19.04 -19.67 -3.92
N VAL C 27 19.16 -20.82 -3.28
CA VAL C 27 20.35 -21.69 -3.41
C VAL C 27 19.91 -23.13 -3.72
N GLU C 28 20.52 -23.70 -4.78
CA GLU C 28 20.23 -25.06 -5.30
C GLU C 28 21.51 -25.86 -5.28
N ARG C 29 21.39 -27.15 -5.13
CA ARG C 29 22.46 -28.14 -5.43
C ARG C 29 22.52 -28.30 -6.96
N ASP C 30 23.70 -28.09 -7.60
CA ASP C 30 23.91 -28.40 -9.05
C ASP C 30 24.66 -29.72 -9.15
N GLY C 47 32.14 -30.59 3.25
CA GLY C 47 31.25 -31.75 3.01
C GLY C 47 29.79 -31.40 3.28
N SER C 48 29.55 -30.30 4.00
CA SER C 48 28.22 -29.65 4.17
C SER C 48 28.10 -28.51 3.14
N TYR C 49 27.31 -28.74 2.09
CA TYR C 49 27.07 -27.82 0.96
C TYR C 49 26.25 -26.62 1.46
N GLY C 50 26.90 -25.50 1.70
CA GLY C 50 26.38 -24.40 2.52
C GLY C 50 26.63 -23.05 1.95
N VAL C 51 25.90 -22.06 2.44
CA VAL C 51 26.07 -20.64 2.05
C VAL C 51 25.57 -19.78 3.20
N ALA C 52 26.23 -18.64 3.45
CA ALA C 52 25.92 -17.72 4.55
C ALA C 52 25.11 -16.54 4.03
N GLY C 53 24.31 -15.94 4.91
CA GLY C 53 23.76 -14.59 4.72
C GLY C 53 24.87 -13.58 4.67
N ASN C 54 24.68 -12.46 3.99
CA ASN C 54 25.70 -11.39 3.83
C ASN C 54 25.59 -10.39 4.99
N VAL C 55 25.33 -10.85 6.20
CA VAL C 55 25.17 -9.94 7.36
C VAL C 55 25.68 -10.65 8.64
N PHE C 56 26.32 -9.88 9.51
CA PHE C 56 26.59 -10.26 10.93
C PHE C 56 25.71 -9.43 11.85
N ILE C 57 24.97 -10.12 12.69
CA ILE C 57 24.02 -9.54 13.67
C ILE C 57 24.63 -9.66 15.07
N ASP C 58 24.70 -8.54 15.78
CA ASP C 58 25.15 -8.51 17.20
C ASP C 58 24.14 -7.72 18.07
N SER C 59 22.90 -7.56 17.62
CA SER C 59 21.85 -6.85 18.41
C SER C 59 20.45 -7.09 17.82
N GLY C 60 19.41 -6.98 18.66
CA GLY C 60 18.00 -6.80 18.24
C GLY C 60 17.35 -8.15 17.94
N ARG C 61 16.16 -8.09 17.35
CA ARG C 61 15.32 -9.25 17.01
C ARG C 61 15.13 -9.26 15.50
N HIS C 62 15.16 -10.45 14.91
CA HIS C 62 15.21 -10.63 13.45
C HIS C 62 14.44 -11.89 13.11
N TYR C 63 13.59 -11.78 12.12
CA TYR C 63 12.77 -12.89 11.61
C TYR C 63 13.02 -12.98 10.11
N TRP C 64 13.26 -14.20 9.62
CA TRP C 64 13.35 -14.52 8.19
C TRP C 64 12.79 -15.93 7.97
N GLU C 65 12.38 -16.23 6.74
CA GLU C 65 11.78 -17.54 6.41
C GLU C 65 12.57 -18.20 5.30
N VAL C 66 12.53 -19.51 5.28
CA VAL C 66 13.10 -20.34 4.18
C VAL C 66 11.95 -21.17 3.60
N VAL C 67 11.71 -21.02 2.28
CA VAL C 67 10.81 -21.90 1.49
C VAL C 67 11.62 -23.06 0.94
N ILE C 68 11.15 -24.27 1.20
CA ILE C 68 11.80 -25.54 0.84
C ILE C 68 10.98 -26.19 -0.27
N SER C 69 11.53 -26.24 -1.47
CA SER C 69 10.91 -26.87 -2.65
C SER C 69 11.26 -28.37 -2.70
N GLY C 70 10.77 -29.14 -1.72
CA GLY C 70 10.77 -30.63 -1.75
C GLY C 70 12.13 -31.23 -1.40
N SER C 71 13.09 -30.43 -0.91
CA SER C 71 14.41 -30.88 -0.43
C SER C 71 14.24 -31.84 0.76
N THR C 72 14.92 -32.99 0.74
CA THR C 72 14.86 -34.03 1.80
C THR C 72 16.12 -34.00 2.68
N TRP C 73 17.14 -33.21 2.33
CA TRP C 73 18.41 -33.10 3.10
C TRP C 73 18.88 -31.63 3.17
N TYR C 74 18.78 -31.00 4.32
CA TYR C 74 19.15 -29.57 4.50
C TYR C 74 19.30 -29.23 5.95
N ALA C 75 19.91 -28.07 6.20
CA ALA C 75 20.14 -27.49 7.52
C ALA C 75 20.08 -25.97 7.42
N ILE C 76 19.25 -25.35 8.24
CA ILE C 76 19.02 -23.87 8.27
C ILE C 76 19.42 -23.42 9.64
N GLY C 77 20.23 -22.38 9.75
CA GLY C 77 20.56 -21.90 11.09
C GLY C 77 21.38 -20.65 11.11
N LEU C 78 22.31 -20.61 12.07
CA LEU C 78 23.12 -19.45 12.48
C LEU C 78 24.50 -19.97 12.88
N ALA C 79 25.51 -19.12 12.78
CA ALA C 79 26.91 -19.46 13.11
C ALA C 79 27.62 -18.18 13.55
N TYR C 80 28.52 -18.30 14.53
CA TYR C 80 29.59 -17.30 14.79
C TYR C 80 30.51 -17.26 13.58
N LYS C 81 31.24 -16.15 13.41
CA LYS C 81 32.29 -16.00 12.37
C LYS C 81 33.36 -17.10 12.55
N SER C 82 33.57 -17.52 13.80
CA SER C 82 34.60 -18.53 14.21
C SER C 82 34.27 -19.91 13.63
N ALA C 83 33.03 -20.13 13.16
CA ALA C 83 32.67 -21.35 12.39
C ALA C 83 33.32 -21.25 11.03
N PRO C 84 34.20 -22.22 10.65
CA PRO C 84 34.78 -22.23 9.33
C PRO C 84 33.68 -22.41 8.29
N LYS C 85 33.91 -21.88 7.08
CA LYS C 85 33.00 -21.99 5.92
C LYS C 85 32.55 -23.43 5.78
N HIS C 86 31.24 -23.63 5.65
CA HIS C 86 30.58 -24.91 5.31
C HIS C 86 30.63 -25.86 6.50
N GLU C 87 30.86 -25.31 7.71
CA GLU C 87 30.73 -26.05 9.02
C GLU C 87 29.49 -25.51 9.78
N TRP C 88 28.32 -25.65 9.18
CA TRP C 88 27.11 -24.86 9.58
C TRP C 88 25.92 -25.75 9.91
N ILE C 89 26.16 -27.02 10.25
CA ILE C 89 25.05 -28.00 10.48
C ILE C 89 25.02 -28.39 11.98
N GLY C 90 25.56 -27.52 12.85
CA GLY C 90 25.45 -27.64 14.31
C GLY C 90 26.36 -28.72 14.90
N LYS C 91 27.39 -29.17 14.16
CA LYS C 91 28.39 -30.17 14.65
C LYS C 91 29.60 -29.45 15.24
N ASN C 92 29.40 -28.27 15.80
CA ASN C 92 30.43 -27.53 16.56
C ASN C 92 29.76 -26.51 17.48
N SER C 93 30.54 -25.85 18.31
CA SER C 93 30.05 -24.96 19.39
C SER C 93 29.70 -23.57 18.83
N ALA C 94 29.95 -23.33 17.53
CA ALA C 94 29.78 -22.00 16.90
C ALA C 94 28.59 -22.01 15.92
N SER C 95 27.82 -23.11 15.87
CA SER C 95 26.78 -23.39 14.84
C SER C 95 25.50 -23.95 15.50
N TRP C 96 24.34 -23.36 15.19
CA TRP C 96 22.97 -23.86 15.54
C TRP C 96 22.17 -24.06 14.25
N ALA C 97 21.53 -25.21 14.06
CA ALA C 97 20.83 -25.58 12.80
C ALA C 97 19.58 -26.43 13.08
N LEU C 98 18.47 -26.14 12.38
CA LEU C 98 17.37 -27.09 12.12
C LEU C 98 17.76 -27.95 10.90
N CYS C 99 17.66 -29.27 11.02
CA CYS C 99 18.15 -30.23 10.02
C CYS C 99 17.03 -31.20 9.64
N ARG C 100 16.76 -31.33 8.36
CA ARG C 100 16.01 -32.47 7.80
C ARG C 100 17.04 -33.50 7.32
N CYS C 101 16.88 -34.74 7.78
CA CYS C 101 17.70 -35.90 7.41
C CYS C 101 16.79 -36.99 6.84
N ASN C 102 16.29 -36.76 5.62
CA ASN C 102 15.28 -37.60 4.94
C ASN C 102 13.94 -37.48 5.72
N ASN C 103 13.55 -38.48 6.53
CA ASN C 103 12.26 -38.49 7.27
C ASN C 103 12.47 -37.93 8.68
N ASN C 104 13.72 -37.82 9.12
CA ASN C 104 14.08 -37.46 10.51
C ASN C 104 14.43 -35.97 10.56
N TRP C 105 13.75 -35.22 11.42
CA TRP C 105 14.06 -33.79 11.71
C TRP C 105 14.67 -33.70 13.10
N VAL C 106 15.80 -33.03 13.19
CA VAL C 106 16.49 -32.74 14.47
C VAL C 106 16.80 -31.24 14.46
N VAL C 107 17.13 -30.66 15.61
CA VAL C 107 18.02 -29.49 15.75
C VAL C 107 19.36 -29.98 16.29
N ARG C 108 20.45 -29.27 15.96
CA ARG C 108 21.85 -29.66 16.29
C ARG C 108 22.61 -28.40 16.73
N HIS C 109 23.17 -28.46 17.92
CA HIS C 109 24.22 -27.53 18.39
C HIS C 109 25.28 -28.34 19.10
N ASN C 110 26.55 -28.04 18.85
CA ASN C 110 27.69 -28.65 19.57
C ASN C 110 27.61 -30.18 19.44
N SER C 111 27.16 -30.69 18.29
CA SER C 111 27.10 -32.14 17.91
C SER C 111 26.03 -32.89 18.72
N LYS C 112 25.16 -32.17 19.44
CA LYS C 112 23.93 -32.74 20.10
C LYS C 112 22.77 -32.71 19.10
N GLU C 113 22.25 -33.88 18.69
CA GLU C 113 21.07 -34.05 17.79
C GLU C 113 19.78 -34.18 18.61
N ILE C 114 19.03 -33.09 18.72
CA ILE C 114 17.78 -33.02 19.52
C ILE C 114 16.60 -33.19 18.58
N PRO C 115 15.86 -34.32 18.66
CA PRO C 115 14.70 -34.55 17.80
C PRO C 115 13.57 -33.52 17.97
N ILE C 116 12.91 -33.19 16.85
CA ILE C 116 11.66 -32.39 16.81
C ILE C 116 10.64 -33.14 15.96
N GLU C 117 9.38 -32.77 16.09
CA GLU C 117 8.26 -33.46 15.41
C GLU C 117 7.45 -32.40 14.66
N PRO C 118 7.81 -32.11 13.40
CA PRO C 118 7.01 -31.19 12.59
C PRO C 118 5.75 -31.91 12.04
N ALA C 119 4.68 -31.14 11.82
CA ALA C 119 3.62 -31.45 10.83
C ALA C 119 4.28 -31.91 9.53
N PRO C 120 3.82 -33.03 8.91
CA PRO C 120 4.46 -33.54 7.70
C PRO C 120 4.40 -32.47 6.60
N HIS C 121 5.27 -32.57 5.60
CA HIS C 121 5.33 -31.62 4.48
C HIS C 121 5.60 -30.21 5.02
N LEU C 122 6.57 -30.07 5.93
CA LEU C 122 7.12 -28.76 6.38
C LEU C 122 7.71 -28.02 5.17
N ARG C 123 7.14 -26.89 4.76
CA ARG C 123 7.46 -26.22 3.47
C ARG C 123 8.01 -24.82 3.72
N ARG C 124 7.61 -24.16 4.80
CA ARG C 124 8.04 -22.77 5.09
C ARG C 124 8.46 -22.68 6.57
N VAL C 125 9.75 -22.42 6.80
CA VAL C 125 10.39 -22.41 8.15
C VAL C 125 10.71 -20.98 8.53
N GLY C 126 10.28 -20.58 9.73
CA GLY C 126 10.57 -19.27 10.33
C GLY C 126 11.72 -19.38 11.32
N ILE C 127 12.65 -18.44 11.26
CA ILE C 127 13.77 -18.32 12.23
C ILE C 127 13.64 -16.97 12.90
N LEU C 128 13.38 -16.99 14.20
CA LEU C 128 13.38 -15.78 15.04
C LEU C 128 14.63 -15.79 15.90
N LEU C 129 15.58 -14.94 15.55
CA LEU C 129 16.77 -14.62 16.34
C LEU C 129 16.44 -13.42 17.24
N ASP C 130 16.37 -13.66 18.53
CA ASP C 130 16.37 -12.60 19.55
C ASP C 130 17.77 -12.49 20.13
N TYR C 131 18.63 -11.68 19.53
CA TYR C 131 20.06 -11.61 19.91
C TYR C 131 20.14 -11.02 21.32
N ASP C 132 19.34 -10.00 21.61
CA ASP C 132 19.33 -9.28 22.91
C ASP C 132 18.98 -10.24 24.07
N ASN C 133 17.91 -11.01 23.94
CA ASN C 133 17.42 -11.94 25.00
C ASN C 133 18.13 -13.30 24.85
N GLY C 134 18.83 -13.53 23.75
CA GLY C 134 19.64 -14.74 23.57
C GLY C 134 18.80 -15.96 23.28
N SER C 135 18.05 -15.95 22.17
CA SER C 135 17.28 -17.12 21.70
C SER C 135 17.25 -17.20 20.17
N ILE C 136 17.24 -18.44 19.68
CA ILE C 136 16.99 -18.87 18.29
C ILE C 136 15.77 -19.75 18.32
N ALA C 137 14.65 -19.29 17.77
CA ALA C 137 13.38 -20.06 17.73
C ALA C 137 13.10 -20.48 16.29
N PHE C 138 12.78 -21.76 16.08
CA PHE C 138 12.35 -22.33 14.79
C PHE C 138 10.83 -22.59 14.81
N TYR C 139 10.17 -22.23 13.72
CA TYR C 139 8.71 -22.31 13.52
C TYR C 139 8.40 -22.97 12.18
N ASP C 140 7.37 -23.82 12.15
CA ASP C 140 6.55 -24.10 10.94
C ASP C 140 5.70 -22.85 10.69
N ALA C 141 6.17 -21.99 9.78
CA ALA C 141 5.66 -20.62 9.57
C ALA C 141 4.27 -20.71 8.90
N LEU C 142 4.05 -21.72 8.06
CA LEU C 142 2.75 -21.93 7.37
C LEU C 142 1.63 -22.16 8.41
N ASN C 143 1.90 -23.00 9.44
CA ASN C 143 0.89 -23.52 10.40
C ASN C 143 1.05 -22.82 11.74
N SER C 144 2.07 -21.99 11.91
CA SER C 144 2.34 -21.23 13.16
C SER C 144 2.51 -22.22 14.33
N ILE C 145 3.36 -23.22 14.12
CA ILE C 145 3.76 -24.22 15.13
C ILE C 145 5.20 -23.91 15.56
N HIS C 146 5.45 -23.71 16.84
CA HIS C 146 6.79 -23.67 17.42
C HIS C 146 7.44 -25.06 17.32
N LEU C 147 8.70 -25.12 16.85
CA LEU C 147 9.44 -26.39 16.67
C LEU C 147 10.44 -26.58 17.84
N TYR C 148 11.21 -25.55 18.17
CA TYR C 148 12.30 -25.62 19.16
C TYR C 148 12.86 -24.22 19.38
N THR C 149 13.30 -23.89 20.60
CA THR C 149 14.04 -22.66 20.93
C THR C 149 15.38 -23.02 21.58
N PHE C 150 16.48 -22.56 20.99
CA PHE C 150 17.82 -22.52 21.62
C PHE C 150 17.92 -21.28 22.50
N ASP C 151 18.29 -21.46 23.76
CA ASP C 151 18.78 -20.39 24.65
C ASP C 151 20.31 -20.30 24.51
N VAL C 152 20.81 -19.10 24.23
CA VAL C 152 22.23 -18.82 23.97
C VAL C 152 22.57 -17.48 24.62
N ALA C 153 23.65 -17.42 25.38
CA ALA C 153 24.40 -16.18 25.68
C ALA C 153 25.43 -15.96 24.56
N PHE C 154 25.03 -15.25 23.49
CA PHE C 154 25.85 -15.03 22.28
C PHE C 154 27.13 -14.29 22.66
N ALA C 155 28.28 -14.87 22.33
CA ALA C 155 29.64 -14.34 22.61
C ALA C 155 30.11 -13.45 21.46
N GLN C 156 29.61 -13.70 20.25
CA GLN C 156 30.10 -13.10 18.99
C GLN C 156 28.90 -12.72 18.12
N PRO C 157 29.11 -11.96 17.02
CA PRO C 157 28.06 -11.76 16.05
C PRO C 157 27.76 -13.07 15.31
N VAL C 158 26.55 -13.20 14.80
CA VAL C 158 26.06 -14.41 14.08
C VAL C 158 25.62 -14.00 12.68
N CYS C 159 25.78 -14.90 11.72
CA CYS C 159 25.24 -14.79 10.36
C CYS C 159 24.33 -15.98 10.12
N PRO C 160 23.23 -15.77 9.39
CA PRO C 160 22.39 -16.87 8.95
C PRO C 160 23.19 -17.84 8.08
N THR C 161 22.82 -19.12 8.06
CA THR C 161 23.49 -20.15 7.25
C THR C 161 22.44 -21.07 6.64
N PHE C 162 22.72 -21.57 5.43
CA PHE C 162 21.82 -22.47 4.67
C PHE C 162 22.65 -23.57 4.04
N THR C 163 22.33 -24.80 4.38
CA THR C 163 23.00 -26.00 3.83
C THR C 163 21.94 -26.83 3.13
N VAL C 164 22.18 -27.20 1.87
CA VAL C 164 21.21 -28.00 1.09
C VAL C 164 21.96 -29.06 0.28
N TRP C 165 21.46 -30.29 0.33
CA TRP C 165 22.11 -31.46 -0.31
C TRP C 165 21.34 -31.87 -1.58
N ASN C 166 20.08 -31.44 -1.73
CA ASN C 166 19.27 -31.70 -2.94
C ASN C 166 18.14 -30.67 -3.04
N LYS C 167 17.67 -30.39 -4.25
CA LYS C 167 16.65 -29.36 -4.58
C LYS C 167 17.19 -28.01 -4.09
N CYS C 168 16.31 -27.11 -3.68
CA CYS C 168 16.66 -25.67 -3.48
C CYS C 168 15.91 -25.07 -2.29
N LEU C 169 16.43 -23.96 -1.80
CA LEU C 169 15.91 -23.18 -0.66
C LEU C 169 15.77 -21.74 -1.13
N THR C 170 14.71 -21.07 -0.71
CA THR C 170 14.49 -19.62 -0.97
C THR C 170 14.24 -18.88 0.35
N ILE C 171 14.96 -17.80 0.55
CA ILE C 171 14.94 -17.02 1.82
C ILE C 171 14.03 -15.82 1.62
N ILE C 172 13.33 -15.44 2.65
CA ILE C 172 12.53 -14.19 2.71
C ILE C 172 12.98 -13.45 3.95
N THR C 173 13.57 -12.27 3.80
CA THR C 173 14.29 -11.58 4.90
C THR C 173 13.70 -10.18 5.08
N GLY C 174 13.98 -9.53 6.20
CA GLY C 174 13.50 -8.16 6.47
C GLY C 174 12.04 -8.17 6.93
N LEU C 175 11.53 -9.32 7.36
CA LEU C 175 10.11 -9.50 7.75
C LEU C 175 9.88 -8.87 9.11
N PRO C 176 8.73 -8.22 9.33
CA PRO C 176 8.27 -7.91 10.68
C PRO C 176 8.33 -9.18 11.55
N ILE C 177 8.65 -9.02 12.83
CA ILE C 177 8.46 -10.10 13.82
C ILE C 177 6.97 -10.34 13.92
N PRO C 178 6.48 -11.55 13.55
CA PRO C 178 5.06 -11.76 13.28
C PRO C 178 4.26 -11.92 14.59
N ASP C 179 2.97 -11.59 14.53
CA ASP C 179 2.00 -11.78 15.64
C ASP C 179 1.43 -13.21 15.55
N HIS C 180 1.45 -13.79 14.34
CA HIS C 180 0.84 -15.12 14.02
C HIS C 180 1.65 -16.23 14.71
N LEU C 181 2.77 -15.88 15.36
CA LEU C 181 3.59 -16.79 16.21
C LEU C 181 3.67 -16.21 17.62
N ASP C 182 4.22 -16.97 18.56
CA ASP C 182 4.58 -16.52 19.93
C ASP C 182 4.63 -17.77 20.83
N MET D 2 -10.32 -5.30 2.92
CA MET D 2 -9.18 -4.58 2.29
C MET D 2 -8.58 -3.59 3.28
N ASN D 3 -7.28 -3.34 3.17
CA ASN D 3 -6.61 -2.23 3.86
C ASN D 3 -7.16 -0.91 3.33
N SER D 4 -6.89 0.16 4.07
CA SER D 4 -7.48 1.50 3.94
C SER D 4 -8.95 1.43 3.51
N GLN D 5 -9.75 0.89 4.43
CA GLN D 5 -11.22 1.03 4.54
C GLN D 5 -11.66 2.47 4.22
N PRO D 6 -12.42 2.69 3.13
CA PRO D 6 -13.09 3.98 2.90
C PRO D 6 -14.20 4.20 3.93
N PHE D 7 -14.35 5.42 4.44
CA PHE D 7 -15.40 5.76 5.43
C PHE D 7 -15.80 7.22 5.23
N LYS D 8 -16.94 7.60 5.83
CA LYS D 8 -17.40 9.01 5.93
C LYS D 8 -17.58 9.37 7.41
N LEU D 9 -17.77 10.65 7.71
CA LEU D 9 -18.29 11.12 9.01
C LEU D 9 -19.68 10.53 9.23
N ASP D 10 -20.02 10.05 10.45
CA ASP D 10 -21.41 9.72 10.83
C ASP D 10 -22.10 10.98 11.38
N PRO D 11 -23.01 11.63 10.60
CA PRO D 11 -23.60 12.91 11.01
C PRO D 11 -24.43 12.75 12.28
N LYS D 12 -24.82 11.50 12.60
CA LYS D 12 -25.61 11.14 13.82
C LYS D 12 -24.73 11.23 15.07
N SER D 13 -23.40 11.05 14.93
CA SER D 13 -22.41 11.10 16.04
C SER D 13 -22.01 12.56 16.38
N ALA D 14 -22.47 13.54 15.61
CA ALA D 14 -21.90 14.91 15.61
C ALA D 14 -22.52 15.74 16.74
N HIS D 15 -21.67 16.44 17.50
CA HIS D 15 -22.06 17.43 18.53
C HIS D 15 -22.99 18.45 17.89
N ARG D 16 -24.03 18.86 18.64
CA ARG D 16 -25.04 19.85 18.19
C ARG D 16 -24.37 21.15 17.69
N LYS D 17 -23.15 21.46 18.16
CA LYS D 17 -22.42 22.72 17.79
C LYS D 17 -21.63 22.52 16.47
N LEU D 18 -21.69 21.33 15.86
CA LEU D 18 -21.02 21.04 14.57
C LEU D 18 -22.04 21.05 13.41
N LYS D 19 -21.59 21.36 12.21
CA LYS D 19 -22.33 21.21 10.93
C LYS D 19 -21.55 20.24 10.03
N VAL D 20 -22.09 19.04 9.82
CA VAL D 20 -21.57 18.02 8.86
C VAL D 20 -22.16 18.32 7.49
N SER D 21 -21.34 18.28 6.45
CA SER D 21 -21.68 18.63 5.05
C SER D 21 -22.51 17.51 4.44
N HIS D 22 -23.16 17.78 3.30
CA HIS D 22 -24.01 16.82 2.56
C HIS D 22 -23.30 15.50 2.39
N ASP D 23 -22.06 15.54 1.93
CA ASP D 23 -21.33 14.35 1.44
C ASP D 23 -20.66 13.66 2.64
N ASN D 24 -20.74 14.27 3.84
CA ASN D 24 -20.32 13.64 5.13
C ASN D 24 -18.77 13.55 5.19
N LEU D 25 -18.08 14.50 4.53
CA LEU D 25 -16.60 14.56 4.42
C LEU D 25 -16.05 15.85 5.02
N THR D 26 -16.87 16.86 5.29
CA THR D 26 -16.42 18.10 5.99
C THR D 26 -17.21 18.27 7.27
N VAL D 27 -16.55 18.71 8.33
CA VAL D 27 -17.23 19.12 9.58
C VAL D 27 -16.74 20.51 10.01
N GLU D 28 -17.70 21.40 10.28
CA GLU D 28 -17.49 22.83 10.62
C GLU D 28 -18.12 23.08 11.97
N ARG D 29 -17.59 24.07 12.68
CA ARG D 29 -18.23 24.65 13.87
C ARG D 29 -19.35 25.59 13.40
N ASP D 30 -20.53 25.43 14.03
CA ASP D 30 -21.80 26.15 13.75
C ASP D 30 -21.82 27.46 14.53
N GLU D 31 -21.46 28.56 13.87
CA GLU D 31 -21.76 29.97 14.27
C GLU D 31 -22.98 30.45 13.45
N GLY D 47 -16.97 21.62 26.54
CA GLY D 47 -17.31 20.42 25.74
C GLY D 47 -16.35 20.20 24.58
N SER D 48 -16.14 18.95 24.16
CA SER D 48 -15.32 18.58 22.97
C SER D 48 -16.25 18.32 21.77
N TYR D 49 -16.35 19.32 20.89
CA TYR D 49 -17.23 19.33 19.69
C TYR D 49 -16.66 18.36 18.66
N GLY D 50 -17.26 17.17 18.56
CA GLY D 50 -16.65 16.00 17.90
C GLY D 50 -17.62 15.28 16.99
N VAL D 51 -17.08 14.43 16.12
CA VAL D 51 -17.85 13.54 15.22
C VAL D 51 -16.98 12.34 14.89
N ALA D 52 -17.58 11.17 14.75
CA ALA D 52 -16.88 9.88 14.51
C ALA D 52 -16.98 9.51 13.03
N GLY D 53 -16.00 8.76 12.53
CA GLY D 53 -16.13 8.00 11.28
C GLY D 53 -17.21 6.94 11.42
N ASN D 54 -17.83 6.56 10.32
CA ASN D 54 -18.94 5.58 10.30
C ASN D 54 -18.37 4.16 10.15
N VAL D 55 -17.21 3.87 10.76
CA VAL D 55 -16.57 2.53 10.65
C VAL D 55 -15.87 2.17 11.95
N PHE D 56 -15.95 0.90 12.34
CA PHE D 56 -15.12 0.26 13.39
C PHE D 56 -14.13 -0.68 12.73
N ILE D 57 -12.87 -0.48 13.04
CA ILE D 57 -11.72 -1.23 12.49
C ILE D 57 -11.18 -2.16 13.58
N ASP D 58 -11.06 -3.44 13.29
CA ASP D 58 -10.52 -4.47 14.19
C ASP D 58 -9.45 -5.32 13.49
N SER D 59 -8.88 -4.86 12.36
CA SER D 59 -7.80 -5.57 11.62
C SER D 59 -7.17 -4.65 10.56
N GLY D 60 -5.91 -4.95 10.19
CA GLY D 60 -5.24 -4.44 8.97
C GLY D 60 -4.65 -3.06 9.18
N ARG D 61 -4.23 -2.42 8.09
CA ARG D 61 -3.56 -1.08 8.08
C ARG D 61 -4.44 -0.12 7.28
N HIS D 62 -4.52 1.13 7.72
CA HIS D 62 -5.51 2.10 7.22
C HIS D 62 -4.88 3.48 7.27
N TYR D 63 -5.02 4.23 6.19
CA TYR D 63 -4.45 5.58 6.04
C TYR D 63 -5.57 6.48 5.58
N TRP D 64 -5.71 7.63 6.22
CA TRP D 64 -6.64 8.71 5.83
C TRP D 64 -6.00 10.05 6.22
N GLU D 65 -6.47 11.13 5.60
CA GLU D 65 -5.90 12.48 5.81
C GLU D 65 -7.00 13.41 6.24
N VAL D 66 -6.61 14.46 6.95
CA VAL D 66 -7.49 15.59 7.35
C VAL D 66 -6.87 16.86 6.80
N VAL D 67 -7.61 17.59 5.95
CA VAL D 67 -7.27 18.97 5.49
C VAL D 67 -7.87 19.98 6.46
N ILE D 68 -7.03 20.85 6.98
CA ILE D 68 -7.39 21.84 8.03
C ILE D 68 -7.38 23.21 7.39
N SER D 69 -8.55 23.82 7.28
CA SER D 69 -8.76 25.15 6.69
C SER D 69 -8.64 26.22 7.78
N GLY D 70 -7.44 26.37 8.36
CA GLY D 70 -7.07 27.51 9.21
C GLY D 70 -7.57 27.38 10.64
N SER D 71 -8.13 26.21 11.01
CA SER D 71 -8.60 25.91 12.39
C SER D 71 -7.42 25.95 13.37
N THR D 72 -7.58 26.65 14.50
CA THR D 72 -6.55 26.83 15.54
C THR D 72 -6.84 25.93 16.76
N TRP D 73 -8.00 25.27 16.81
CA TRP D 73 -8.40 24.39 17.93
C TRP D 73 -9.08 23.12 17.41
N TYR D 74 -8.40 21.98 17.49
CA TYR D 74 -8.93 20.69 16.98
C TYR D 74 -8.16 19.51 17.54
N ALA D 75 -8.75 18.34 17.37
CA ALA D 75 -8.16 17.04 17.76
C ALA D 75 -8.60 15.98 16.77
N ILE D 76 -7.65 15.25 16.24
CA ILE D 76 -7.86 14.17 15.23
C ILE D 76 -7.38 12.89 15.87
N GLY D 77 -8.14 11.84 15.85
CA GLY D 77 -7.62 10.58 16.38
C GLY D 77 -8.53 9.40 16.19
N LEU D 78 -8.52 8.54 17.21
CA LEU D 78 -9.16 7.21 17.25
C LEU D 78 -9.72 7.00 18.65
N ALA D 79 -10.71 6.14 18.76
CA ALA D 79 -11.39 5.82 20.02
C ALA D 79 -11.96 4.40 19.95
N TYR D 80 -11.90 3.66 21.05
CA TYR D 80 -12.77 2.48 21.31
C TYR D 80 -14.22 2.95 21.37
N LYS D 81 -15.15 2.02 21.15
CA LYS D 81 -16.61 2.28 21.29
C LYS D 81 -16.92 2.70 22.73
N SER D 82 -16.13 2.20 23.69
CA SER D 82 -16.26 2.45 25.15
C SER D 82 -15.97 3.92 25.49
N ALA D 83 -15.38 4.69 24.58
CA ALA D 83 -15.26 6.16 24.72
C ALA D 83 -16.65 6.76 24.51
N PRO D 84 -17.20 7.49 25.51
CA PRO D 84 -18.49 8.14 25.33
C PRO D 84 -18.37 9.18 24.22
N LYS D 85 -19.49 9.41 23.50
CA LYS D 85 -19.59 10.41 22.42
C LYS D 85 -18.97 11.73 22.90
N HIS D 86 -18.11 12.30 22.07
CA HIS D 86 -17.51 13.66 22.23
C HIS D 86 -16.48 13.64 23.36
N GLU D 87 -16.00 12.44 23.75
CA GLU D 87 -14.84 12.25 24.67
C GLU D 87 -13.63 11.72 23.87
N TRP D 88 -13.18 12.48 22.89
CA TRP D 88 -12.30 11.96 21.80
C TRP D 88 -11.02 12.80 21.68
N ILE D 89 -10.59 13.48 22.74
CA ILE D 89 -9.41 14.37 22.72
C ILE D 89 -8.28 13.76 23.60
N GLY D 90 -8.34 12.45 23.84
CA GLY D 90 -7.26 11.67 24.50
C GLY D 90 -7.21 11.89 26.02
N LYS D 91 -8.29 12.38 26.64
CA LYS D 91 -8.39 12.60 28.10
C LYS D 91 -9.05 11.38 28.78
N ASN D 92 -8.85 10.19 28.19
CA ASN D 92 -9.27 8.91 28.78
C ASN D 92 -8.48 7.78 28.11
N SER D 93 -8.65 6.56 28.60
CA SER D 93 -7.85 5.38 28.22
C SER D 93 -8.37 4.78 26.91
N ALA D 94 -9.48 5.31 26.35
CA ALA D 94 -10.15 4.73 25.17
C ALA D 94 -9.99 5.64 23.95
N SER D 95 -9.17 6.70 24.06
CA SER D 95 -9.06 7.82 23.08
C SER D 95 -7.57 8.17 22.86
N TRP D 96 -7.13 8.23 21.59
CA TRP D 96 -5.80 8.77 21.16
C TRP D 96 -6.03 9.91 20.15
N ALA D 97 -5.41 11.07 20.35
CA ALA D 97 -5.64 12.28 19.52
C ALA D 97 -4.35 13.07 19.30
N LEU D 98 -4.14 13.57 18.08
CA LEU D 98 -3.28 14.75 17.80
C LEU D 98 -4.12 16.03 18.01
N CYS D 99 -3.61 16.98 18.77
CA CYS D 99 -4.37 18.18 19.23
C CYS D 99 -3.59 19.45 18.89
N ARG D 100 -4.23 20.38 18.18
CA ARG D 100 -3.78 21.78 18.11
C ARG D 100 -4.54 22.56 19.18
N CYS D 101 -3.79 23.28 20.00
CA CYS D 101 -4.29 24.16 21.08
C CYS D 101 -3.74 25.56 20.86
N ASN D 102 -4.27 26.25 19.84
CA ASN D 102 -3.80 27.58 19.38
C ASN D 102 -2.40 27.39 18.74
N ASN D 103 -1.32 27.78 19.42
CA ASN D 103 0.07 27.68 18.87
C ASN D 103 0.73 26.37 19.33
N ASN D 104 0.14 25.70 20.31
CA ASN D 104 0.72 24.51 20.98
C ASN D 104 0.12 23.25 20.35
N TRP D 105 0.97 22.34 19.88
CA TRP D 105 0.56 20.99 19.39
C TRP D 105 1.02 19.93 20.39
N VAL D 106 0.11 19.06 20.78
CA VAL D 106 0.40 17.90 21.65
C VAL D 106 -0.24 16.67 21.00
N VAL D 107 0.15 15.47 21.39
CA VAL D 107 -0.67 14.24 21.30
C VAL D 107 -1.09 13.88 22.73
N ARG D 108 -2.24 13.22 22.88
CA ARG D 108 -2.88 12.94 24.19
C ARG D 108 -3.48 11.54 24.17
N HIS D 109 -3.07 10.72 25.12
CA HIS D 109 -3.75 9.47 25.47
C HIS D 109 -3.79 9.35 26.98
N ASN D 110 -4.92 8.95 27.53
CA ASN D 110 -5.06 8.66 28.97
C ASN D 110 -4.69 9.93 29.78
N SER D 111 -4.98 11.14 29.24
CA SER D 111 -4.76 12.46 29.88
C SER D 111 -3.26 12.81 29.98
N LYS D 112 -2.38 12.05 29.32
CA LYS D 112 -0.94 12.39 29.13
C LYS D 112 -0.79 13.28 27.90
N GLU D 113 -0.34 14.52 28.07
CA GLU D 113 -0.12 15.54 27.01
C GLU D 113 1.35 15.50 26.57
N ILE D 114 1.64 14.85 25.45
CA ILE D 114 3.01 14.68 24.93
C ILE D 114 3.24 15.72 23.84
N PRO D 115 4.13 16.72 24.08
CA PRO D 115 4.43 17.73 23.07
C PRO D 115 5.01 17.18 21.76
N ILE D 116 4.64 17.81 20.63
CA ILE D 116 5.26 17.59 19.30
C ILE D 116 5.61 18.96 18.71
N GLU D 117 6.49 18.97 17.73
CA GLU D 117 6.93 20.20 17.05
C GLU D 117 6.74 20.01 15.55
N PRO D 118 5.56 20.36 15.01
CA PRO D 118 5.36 20.37 13.57
C PRO D 118 6.02 21.60 12.92
N ALA D 119 6.42 21.47 11.65
CA ALA D 119 6.51 22.58 10.67
C ALA D 119 5.30 23.50 10.82
N PRO D 120 5.49 24.83 10.93
CA PRO D 120 4.37 25.73 11.24
C PRO D 120 3.35 25.66 10.12
N HIS D 121 2.09 26.00 10.38
CA HIS D 121 0.99 25.94 9.38
C HIS D 121 0.88 24.51 8.83
N LEU D 122 0.80 23.55 9.74
CA LEU D 122 0.39 22.14 9.45
C LEU D 122 -1.02 22.16 8.84
N ARG D 123 -1.16 21.74 7.58
CA ARG D 123 -2.40 21.95 6.77
C ARG D 123 -3.02 20.63 6.34
N ARG D 124 -2.21 19.58 6.18
CA ARG D 124 -2.73 18.24 5.82
C ARG D 124 -2.06 17.19 6.72
N VAL D 125 -2.86 16.50 7.55
CA VAL D 125 -2.43 15.49 8.56
C VAL D 125 -2.78 14.09 8.07
N GLY D 126 -1.79 13.20 8.04
CA GLY D 126 -1.96 11.76 7.75
C GLY D 126 -2.06 10.95 9.03
N ILE D 127 -3.01 10.02 9.08
CA ILE D 127 -3.16 9.05 10.19
C ILE D 127 -3.01 7.66 9.62
N LEU D 128 -1.95 6.97 10.03
CA LEU D 128 -1.72 5.55 9.69
C LEU D 128 -1.99 4.70 10.92
N LEU D 129 -3.14 4.01 10.92
CA LEU D 129 -3.52 3.00 11.89
C LEU D 129 -3.05 1.65 11.37
N ASP D 130 -2.08 1.06 12.06
CA ASP D 130 -1.70 -0.36 11.89
C ASP D 130 -2.33 -1.15 13.03
N TYR D 131 -3.56 -1.64 12.85
CA TYR D 131 -4.32 -2.32 13.92
C TYR D 131 -3.59 -3.61 14.29
N ASP D 132 -3.10 -4.35 13.30
CA ASP D 132 -2.45 -5.68 13.48
C ASP D 132 -1.17 -5.53 14.33
N ASN D 133 -0.31 -4.58 13.98
CA ASN D 133 1.00 -4.37 14.68
C ASN D 133 0.81 -3.41 15.86
N GLY D 134 -0.36 -2.78 15.98
CA GLY D 134 -0.72 -1.99 17.16
C GLY D 134 0.00 -0.66 17.20
N SER D 135 -0.22 0.19 16.19
CA SER D 135 0.35 1.55 16.12
C SER D 135 -0.61 2.53 15.45
N ILE D 136 -0.56 3.76 15.94
CA ILE D 136 -1.19 4.98 15.38
C ILE D 136 -0.06 5.94 15.10
N ALA D 137 0.24 6.21 13.83
CA ALA D 137 1.28 7.17 13.43
C ALA D 137 0.61 8.43 12.85
N PHE D 138 1.03 9.61 13.32
CA PHE D 138 0.62 10.94 12.78
C PHE D 138 1.77 11.53 11.92
N TYR D 139 1.39 12.09 10.79
CA TYR D 139 2.29 12.68 9.77
C TYR D 139 1.77 14.07 9.38
N ASP D 140 2.69 15.01 9.19
CA ASP D 140 2.54 16.16 8.25
C ASP D 140 2.60 15.60 6.83
N ALA D 141 1.44 15.34 6.22
CA ALA D 141 1.27 14.58 4.97
C ALA D 141 1.79 15.43 3.79
N LEU D 142 1.64 16.75 3.86
CA LEU D 142 2.11 17.69 2.80
C LEU D 142 3.65 17.58 2.67
N ASN D 143 4.37 17.55 3.80
CA ASN D 143 5.85 17.66 3.88
C ASN D 143 6.47 16.29 4.14
N SER D 144 5.66 15.27 4.41
CA SER D 144 6.12 13.88 4.68
C SER D 144 7.05 13.86 5.90
N ILE D 145 6.61 14.50 6.98
CA ILE D 145 7.29 14.52 8.30
C ILE D 145 6.52 13.63 9.27
N HIS D 146 7.16 12.67 9.89
CA HIS D 146 6.61 11.93 11.04
C HIS D 146 6.48 12.86 12.26
N LEU D 147 5.30 12.83 12.92
CA LEU D 147 5.01 13.70 14.09
C LEU D 147 5.15 12.88 15.40
N TYR D 148 4.56 11.69 15.46
CA TYR D 148 4.47 10.86 16.68
C TYR D 148 3.84 9.52 16.32
N THR D 149 4.28 8.43 16.96
CA THR D 149 3.64 7.09 16.89
C THR D 149 3.23 6.61 18.28
N PHE D 150 1.94 6.33 18.49
CA PHE D 150 1.42 5.56 19.64
C PHE D 150 1.58 4.07 19.38
N ASP D 151 2.21 3.36 20.31
CA ASP D 151 2.19 1.88 20.40
C ASP D 151 1.04 1.46 21.32
N VAL D 152 0.15 0.61 20.83
CA VAL D 152 -1.11 0.18 21.50
C VAL D 152 -1.31 -1.30 21.20
N ALA D 153 -1.54 -2.12 22.21
CA ALA D 153 -2.21 -3.43 22.12
C ALA D 153 -3.73 -3.19 22.16
N PHE D 154 -4.35 -2.98 20.99
CA PHE D 154 -5.79 -2.68 20.83
C PHE D 154 -6.60 -3.83 21.41
N ALA D 155 -7.49 -3.51 22.36
CA ALA D 155 -8.36 -4.47 23.08
C ALA D 155 -9.71 -4.59 22.36
N GLN D 156 -10.11 -3.54 21.66
CA GLN D 156 -11.47 -3.38 21.04
C GLN D 156 -11.31 -2.82 19.63
N PRO D 157 -12.36 -2.83 18.80
CA PRO D 157 -12.34 -2.10 17.54
C PRO D 157 -12.25 -0.58 17.81
N VAL D 158 -11.68 0.16 16.85
CA VAL D 158 -11.52 1.64 16.92
C VAL D 158 -12.24 2.29 15.75
N CYS D 159 -12.73 3.51 15.95
CA CYS D 159 -13.29 4.37 14.90
C CYS D 159 -12.52 5.66 14.89
N PRO D 160 -12.27 6.25 13.71
CA PRO D 160 -11.69 7.58 13.60
C PRO D 160 -12.57 8.61 14.30
N THR D 161 -11.97 9.69 14.79
CA THR D 161 -12.69 10.75 15.52
C THR D 161 -12.13 12.09 15.11
N PHE D 162 -12.99 13.12 15.05
CA PHE D 162 -12.64 14.48 14.65
C PHE D 162 -13.32 15.45 15.60
N THR D 163 -12.55 16.28 16.24
CA THR D 163 -13.00 17.35 17.13
C THR D 163 -12.54 18.67 16.57
N VAL D 164 -13.44 19.62 16.38
CA VAL D 164 -13.08 20.97 15.86
C VAL D 164 -13.84 22.04 16.63
N TRP D 165 -13.14 23.08 17.05
CA TRP D 165 -13.68 24.17 17.89
C TRP D 165 -13.89 25.45 17.05
N ASN D 166 -13.22 25.56 15.90
CA ASN D 166 -13.40 26.72 14.98
C ASN D 166 -12.99 26.31 13.57
N LYS D 167 -13.56 26.97 12.56
CA LYS D 167 -13.36 26.67 11.12
C LYS D 167 -13.78 25.22 10.87
N CYS D 168 -13.15 24.52 9.94
CA CYS D 168 -13.63 23.19 9.44
C CYS D 168 -12.48 22.24 9.17
N LEU D 169 -12.81 20.96 9.09
CA LEU D 169 -11.89 19.85 8.74
C LEU D 169 -12.51 19.10 7.57
N THR D 170 -11.68 18.66 6.62
CA THR D 170 -12.10 17.73 5.53
C THR D 170 -11.25 16.46 5.56
N ILE D 171 -11.90 15.31 5.49
CA ILE D 171 -11.28 13.98 5.56
C ILE D 171 -11.14 13.44 4.15
N ILE D 172 -10.06 12.73 3.90
CA ILE D 172 -9.85 11.96 2.66
C ILE D 172 -9.52 10.53 3.10
N THR D 173 -10.32 9.56 2.69
CA THR D 173 -10.28 8.18 3.25
C THR D 173 -10.15 7.20 2.09
N GLY D 174 -9.81 5.95 2.39
CA GLY D 174 -9.66 4.89 1.37
C GLY D 174 -8.35 5.03 0.61
N LEU D 175 -7.39 5.78 1.16
CA LEU D 175 -6.08 6.06 0.51
C LEU D 175 -5.20 4.83 0.62
N PRO D 176 -4.42 4.50 -0.42
CA PRO D 176 -3.32 3.55 -0.25
C PRO D 176 -2.42 4.02 0.90
N ILE D 177 -1.80 3.09 1.61
CA ILE D 177 -0.68 3.39 2.52
C ILE D 177 0.45 3.95 1.64
N PRO D 178 0.86 5.21 1.85
CA PRO D 178 1.74 5.89 0.91
C PRO D 178 3.21 5.46 1.13
N ASP D 179 4.02 5.57 0.08
CA ASP D 179 5.49 5.30 0.12
C ASP D 179 6.21 6.59 0.56
N HIS D 180 5.58 7.76 0.35
CA HIS D 180 6.17 9.11 0.50
C HIS D 180 6.39 9.41 1.99
N LEU D 181 6.06 8.49 2.89
CA LEU D 181 6.19 8.67 4.36
C LEU D 181 7.25 7.76 5.00
N ASP D 182 7.22 6.46 4.72
CA ASP D 182 7.93 5.44 5.54
C ASP D 182 8.10 4.16 4.74
#